data_6GHN
#
_entry.id   6GHN
#
_cell.length_a   37.453
_cell.length_b   64.681
_cell.length_c   97.308
_cell.angle_alpha   107.03
_cell.angle_beta   93.89
_cell.angle_gamma   106.84
#
_symmetry.space_group_name_H-M   'P 1'
#
loop_
_entity.id
_entity.type
_entity.pdbx_description
1 polymer 'HLA class I histocompatibility antigen, E alpha chain variant'
2 polymer Beta-2-microglobulin
3 polymer ARG-LEU-PRO-ALA-LYS-ALA-PRO-LEU-PHE
4 non-polymer 'SULFATE ION'
5 water water
#
loop_
_entity_poly.entity_id
_entity_poly.type
_entity_poly.pdbx_seq_one_letter_code
_entity_poly.pdbx_strand_id
1 'polypeptide(L)'
;GSHSLKYFHTSVSRPGRGEPRFISVGYVDDTQFVRFDNDAASPRMVPRAPWMEQEGSEYWDRETRSARDTAQIFRVNLRT
LRGYYNQSEAGSHTLQWMHGCELGPDGRFLRGYEQFAYDGKDYLTLNEDLRSWTAVDTAAQISEQKSNDASEAEHQRAYL
EDTCVEWLHKYLEKGKETLLHLEPPKTHVTHHPISDHEATLRCWALGFYPAEITLTWQQDGEGHTQDTELVETRPAGDGT
FQKWAAVVVPSGEEQRYTCHVQHEGLPEPVTLRW
;
A,C
2 'polypeptide(L)'
;MIQRTPKIQVYSRHPAENGKSNFLNCYVSGFHPSDIEVDLLKNGERIEKVEHSDLSFSKDWSFYLLYYTEFTPTEKDEYA
CRVNHVTLSQPKIVKWDRDM
;
B,D
3 'polypeptide(L)' RLPAKAPLF P,Q
#
# COMPACT_ATOMS: atom_id res chain seq x y z
N GLY A 1 3.50 -40.29 -21.74
CA GLY A 1 3.83 -40.12 -20.35
C GLY A 1 2.63 -39.84 -19.46
N SER A 2 2.90 -39.31 -18.27
CA SER A 2 1.86 -38.99 -17.31
C SER A 2 1.16 -37.69 -17.68
N HIS A 3 -0.08 -37.55 -17.21
CA HIS A 3 -0.85 -36.33 -17.41
C HIS A 3 -1.59 -36.00 -16.12
N SER A 4 -2.06 -34.75 -16.02
CA SER A 4 -2.73 -34.33 -14.80
C SER A 4 -3.74 -33.23 -15.09
N LEU A 5 -4.75 -33.14 -14.24
CA LEU A 5 -5.77 -32.08 -14.26
C LEU A 5 -5.78 -31.47 -12.87
N LYS A 6 -5.35 -30.21 -12.74
CA LYS A 6 -5.14 -29.58 -11.44
C LYS A 6 -5.85 -28.23 -11.37
N TYR A 7 -6.45 -27.93 -10.22
CA TYR A 7 -7.09 -26.63 -10.01
C TYR A 7 -6.55 -25.97 -8.75
N PHE A 8 -6.37 -24.64 -8.80
CA PHE A 8 -5.85 -23.84 -7.70
C PHE A 8 -6.82 -22.69 -7.43
N HIS A 9 -7.36 -22.63 -6.21
CA HIS A 9 -8.33 -21.60 -5.78
C HIS A 9 -7.73 -20.68 -4.73
N THR A 10 -7.98 -19.37 -4.84
CA THR A 10 -7.50 -18.40 -3.85
C THR A 10 -8.61 -17.42 -3.48
N SER A 11 -8.84 -17.27 -2.17
CA SER A 11 -9.80 -16.31 -1.66
C SER A 11 -9.10 -15.45 -0.63
N VAL A 12 -9.24 -14.13 -0.74
CA VAL A 12 -8.56 -13.17 0.13
C VAL A 12 -9.60 -12.21 0.69
N SER A 13 -9.70 -12.15 2.02
CA SER A 13 -10.74 -11.37 2.67
C SER A 13 -10.43 -9.87 2.61
N ARG A 14 -11.50 -9.09 2.47
CA ARG A 14 -11.41 -7.63 2.37
C ARG A 14 -12.10 -7.07 3.60
N PRO A 15 -11.36 -6.75 4.67
CA PRO A 15 -11.99 -6.55 5.99
C PRO A 15 -13.26 -5.71 6.02
N GLY A 16 -13.31 -4.57 5.33
CA GLY A 16 -14.49 -3.73 5.45
C GLY A 16 -15.28 -3.56 4.17
N ARG A 17 -14.90 -4.30 3.14
CA ARG A 17 -15.43 -4.10 1.79
C ARG A 17 -16.43 -5.17 1.37
N GLY A 18 -16.84 -6.04 2.29
CA GLY A 18 -17.86 -7.06 1.98
C GLY A 18 -17.25 -8.35 1.42
N GLU A 19 -17.45 -8.56 0.11
CA GLU A 19 -17.13 -9.84 -0.50
C GLU A 19 -15.62 -10.01 -0.67
N PRO A 20 -15.10 -11.21 -0.41
CA PRO A 20 -13.68 -11.47 -0.71
C PRO A 20 -13.44 -11.72 -2.19
N ARG A 21 -12.23 -11.37 -2.63
CA ARG A 21 -11.77 -11.69 -3.97
C ARG A 21 -11.56 -13.19 -4.08
N PHE A 22 -12.09 -13.80 -5.13
CA PHE A 22 -11.97 -15.23 -5.34
C PHE A 22 -11.51 -15.50 -6.77
N ILE A 23 -10.40 -16.23 -6.90
CA ILE A 23 -9.81 -16.53 -8.19
C ILE A 23 -9.54 -18.03 -8.26
N SER A 24 -9.86 -18.63 -9.38
CA SER A 24 -9.70 -20.07 -9.57
C SER A 24 -9.08 -20.27 -10.95
N VAL A 25 -8.00 -21.07 -11.02
CA VAL A 25 -7.33 -21.36 -12.28
C VAL A 25 -7.24 -22.87 -12.46
N GLY A 26 -7.38 -23.33 -13.69
CA GLY A 26 -7.31 -24.76 -14.00
C GLY A 26 -6.19 -25.09 -14.97
N TYR A 27 -5.53 -26.23 -14.74
CA TYR A 27 -4.36 -26.62 -15.52
C TYR A 27 -4.52 -28.03 -16.07
N VAL A 28 -4.07 -28.23 -17.30
CA VAL A 28 -3.85 -29.57 -17.83
C VAL A 28 -2.34 -29.66 -18.05
N ASP A 29 -1.67 -30.54 -17.30
CA ASP A 29 -0.21 -30.60 -17.28
C ASP A 29 0.31 -29.21 -16.96
N ASP A 30 1.12 -28.63 -17.83
CA ASP A 30 1.60 -27.28 -17.57
C ASP A 30 0.89 -26.22 -18.41
N THR A 31 -0.26 -26.55 -18.99
CA THR A 31 -1.04 -25.63 -19.82
C THR A 31 -2.28 -25.17 -19.08
N GLN A 32 -2.44 -23.84 -18.93
CA GLN A 32 -3.65 -23.30 -18.33
C GLN A 32 -4.77 -23.26 -19.37
N PHE A 33 -6.00 -23.69 -18.98
CA PHE A 33 -7.11 -23.74 -19.93
C PHE A 33 -8.41 -23.03 -19.50
N VAL A 34 -8.62 -22.73 -18.20
CA VAL A 34 -9.81 -22.01 -17.71
C VAL A 34 -9.44 -21.03 -16.61
N ARG A 35 -10.39 -20.16 -16.30
CA ARG A 35 -10.22 -19.17 -15.24
C ARG A 35 -11.59 -18.74 -14.74
N PHE A 36 -11.71 -18.61 -13.42
CA PHE A 36 -12.86 -17.98 -12.79
C PHE A 36 -12.36 -16.90 -11.83
N ASP A 37 -12.87 -15.69 -11.98
CA ASP A 37 -12.46 -14.53 -11.20
C ASP A 37 -13.72 -13.77 -10.79
N ASN A 38 -13.96 -13.65 -9.49
CA ASN A 38 -15.19 -12.99 -9.03
C ASN A 38 -15.07 -11.47 -9.03
N ASP A 39 -13.96 -10.92 -9.52
CA ASP A 39 -13.80 -9.48 -9.63
C ASP A 39 -14.44 -9.01 -10.94
N ALA A 40 -15.76 -9.13 -11.00
CA ALA A 40 -16.49 -8.79 -12.21
C ALA A 40 -17.95 -8.57 -11.89
N ALA A 41 -18.65 -7.93 -12.82
CA ALA A 41 -20.07 -7.62 -12.61
C ALA A 41 -20.88 -8.90 -12.47
N SER A 42 -20.72 -9.84 -13.41
CA SER A 42 -21.41 -11.12 -13.38
C SER A 42 -20.39 -12.22 -13.64
N PRO A 43 -19.69 -12.67 -12.59
CA PRO A 43 -18.51 -13.54 -12.80
C PRO A 43 -18.86 -14.91 -13.38
N ARG A 44 -18.04 -15.33 -14.35
CA ARG A 44 -18.21 -16.59 -15.07
C ARG A 44 -16.87 -17.30 -15.24
N MET A 45 -16.95 -18.60 -15.53
CA MET A 45 -15.78 -19.33 -15.97
C MET A 45 -15.54 -19.09 -17.46
N VAL A 46 -14.32 -18.74 -17.83
CA VAL A 46 -14.00 -18.42 -19.22
C VAL A 46 -12.88 -19.35 -19.68
N PRO A 47 -12.70 -19.50 -20.99
CA PRO A 47 -11.58 -20.30 -21.50
C PRO A 47 -10.27 -19.50 -21.58
N ARG A 48 -9.17 -20.17 -21.25
CA ARG A 48 -7.83 -19.60 -21.37
C ARG A 48 -6.93 -20.39 -22.33
N ALA A 49 -7.48 -21.37 -23.05
CA ALA A 49 -6.80 -22.13 -24.07
C ALA A 49 -7.67 -22.22 -25.32
N PRO A 50 -7.08 -22.12 -26.51
CA PRO A 50 -7.89 -22.08 -27.74
C PRO A 50 -8.70 -23.34 -28.00
N TRP A 51 -8.22 -24.49 -27.54
CA TRP A 51 -8.97 -25.73 -27.72
C TRP A 51 -10.15 -25.85 -26.77
N MET A 52 -10.36 -24.87 -25.89
CA MET A 52 -11.53 -24.86 -25.02
C MET A 52 -12.65 -23.97 -25.54
N GLU A 53 -12.42 -23.22 -26.62
CA GLU A 53 -13.41 -22.26 -27.11
C GLU A 53 -14.52 -22.90 -27.95
N GLN A 54 -14.40 -24.17 -28.33
CA GLN A 54 -15.54 -24.84 -28.95
C GLN A 54 -16.45 -25.47 -27.90
N GLU A 55 -16.08 -25.42 -26.63
CA GLU A 55 -16.91 -26.00 -25.57
C GLU A 55 -18.26 -25.26 -25.48
N GLY A 56 -19.34 -26.03 -25.20
CA GLY A 56 -20.69 -25.49 -25.24
C GLY A 56 -21.10 -24.67 -24.01
N SER A 57 -22.20 -23.94 -24.17
CA SER A 57 -22.66 -23.05 -23.11
C SER A 57 -23.15 -23.80 -21.89
N GLU A 58 -23.54 -25.08 -22.04
CA GLU A 58 -23.95 -25.87 -20.89
C GLU A 58 -22.77 -26.19 -19.99
N TYR A 59 -21.60 -26.42 -20.59
CA TYR A 59 -20.39 -26.62 -19.81
C TYR A 59 -20.05 -25.37 -18.99
N TRP A 60 -20.05 -24.20 -19.64
CA TRP A 60 -19.68 -22.97 -18.93
C TRP A 60 -20.69 -22.57 -17.87
N ASP A 61 -21.98 -22.83 -18.10
CA ASP A 61 -22.98 -22.47 -17.11
C ASP A 61 -22.78 -23.24 -15.82
N ARG A 62 -22.53 -24.55 -15.93
CA ARG A 62 -22.35 -25.37 -14.73
C ARG A 62 -21.05 -25.05 -13.98
N GLU A 63 -19.94 -24.87 -14.72
CA GLU A 63 -18.69 -24.51 -14.06
C GLU A 63 -18.83 -23.16 -13.35
N THR A 64 -19.59 -22.24 -13.95
CA THR A 64 -19.86 -20.97 -13.29
C THR A 64 -20.66 -21.16 -12.01
N ARG A 65 -21.66 -22.04 -12.02
CA ARG A 65 -22.45 -22.29 -10.81
C ARG A 65 -21.58 -22.94 -9.74
N SER A 66 -20.76 -23.92 -10.13
CA SER A 66 -19.87 -24.57 -9.17
C SER A 66 -18.86 -23.57 -8.60
N ALA A 67 -18.32 -22.69 -9.46
CA ALA A 67 -17.34 -21.72 -8.99
C ALA A 67 -17.99 -20.72 -8.03
N ARG A 68 -19.18 -20.23 -8.36
CA ARG A 68 -19.88 -19.31 -7.47
C ARG A 68 -20.23 -19.98 -6.13
N ASP A 69 -20.72 -21.22 -6.16
CA ASP A 69 -20.99 -21.90 -4.91
C ASP A 69 -19.74 -21.99 -4.05
N THR A 70 -18.63 -22.44 -4.65
CA THR A 70 -17.35 -22.56 -3.94
C THR A 70 -16.93 -21.23 -3.32
N ALA A 71 -17.06 -20.13 -4.06
CA ALA A 71 -16.65 -18.84 -3.54
C ALA A 71 -17.48 -18.44 -2.33
N GLN A 72 -18.79 -18.72 -2.36
CA GLN A 72 -19.64 -18.42 -1.20
C GLN A 72 -19.19 -19.23 0.01
N ILE A 73 -18.85 -20.51 -0.19
CA ILE A 73 -18.42 -21.36 0.93
C ILE A 73 -17.13 -20.83 1.52
N PHE A 74 -16.19 -20.43 0.66
CA PHE A 74 -14.91 -19.92 1.12
C PHE A 74 -15.10 -18.66 1.95
N ARG A 75 -16.07 -17.82 1.59
CA ARG A 75 -16.31 -16.58 2.33
C ARG A 75 -16.80 -16.85 3.74
N VAL A 76 -17.70 -17.83 3.89
CA VAL A 76 -18.14 -18.25 5.22
C VAL A 76 -16.96 -18.84 5.99
N ASN A 77 -16.12 -19.64 5.32
CA ASN A 77 -15.01 -20.32 5.99
C ASN A 77 -13.96 -19.32 6.49
N LEU A 78 -13.70 -18.26 5.73
CA LEU A 78 -12.82 -17.22 6.24
C LEU A 78 -13.38 -16.64 7.52
N ARG A 79 -14.71 -16.49 7.61
CA ARG A 79 -15.32 -15.88 8.80
C ARG A 79 -15.24 -16.82 10.00
N THR A 80 -15.42 -18.11 9.76
CA THR A 80 -15.37 -19.10 10.83
C THR A 80 -13.96 -19.30 11.37
N LEU A 81 -12.95 -19.44 10.47
CA LEU A 81 -11.56 -19.64 10.90
C LEU A 81 -11.01 -18.42 11.66
N ARG A 82 -11.42 -17.22 11.28
CA ARG A 82 -11.08 -16.05 12.06
C ARG A 82 -11.61 -16.17 13.48
N GLY A 83 -12.77 -16.79 13.65
CA GLY A 83 -13.28 -17.02 15.00
C GLY A 83 -12.49 -18.10 15.72
N TYR A 84 -12.12 -19.16 15.02
CA TYR A 84 -11.40 -20.29 15.60
C TYR A 84 -10.09 -19.83 16.24
N TYR A 85 -9.36 -18.95 15.58
CA TYR A 85 -8.05 -18.51 16.04
C TYR A 85 -8.10 -17.21 16.85
N ASN A 86 -9.30 -16.70 17.15
CA ASN A 86 -9.45 -15.45 17.91
C ASN A 86 -8.78 -14.26 17.23
N GLN A 87 -8.87 -14.19 15.91
CA GLN A 87 -8.25 -13.09 15.17
C GLN A 87 -9.21 -11.91 15.01
N SER A 88 -8.65 -10.70 15.02
CA SER A 88 -9.49 -9.53 14.78
C SER A 88 -9.76 -9.38 13.29
N GLU A 89 -10.80 -8.60 12.97
CA GLU A 89 -11.12 -8.27 11.59
C GLU A 89 -10.26 -7.12 11.05
N ALA A 90 -9.23 -6.69 11.77
CA ALA A 90 -8.43 -5.59 11.26
C ALA A 90 -7.62 -6.03 10.04
N GLY A 91 -7.26 -7.31 9.97
CA GLY A 91 -6.42 -7.83 8.93
C GLY A 91 -7.16 -8.61 7.84
N SER A 92 -6.49 -8.73 6.70
CA SER A 92 -6.95 -9.56 5.60
C SER A 92 -6.29 -10.93 5.69
N HIS A 93 -7.06 -11.98 5.38
CA HIS A 93 -6.58 -13.35 5.49
C HIS A 93 -6.86 -14.09 4.19
N THR A 94 -6.15 -15.21 4.01
CA THR A 94 -6.15 -15.96 2.75
C THR A 94 -6.55 -17.40 2.98
N LEU A 95 -7.37 -17.94 2.07
CA LEU A 95 -7.75 -19.34 2.09
C LEU A 95 -7.54 -19.92 0.69
N GLN A 96 -6.71 -20.97 0.60
CA GLN A 96 -6.34 -21.56 -0.69
C GLN A 96 -6.75 -23.03 -0.76
N TRP A 97 -7.02 -23.48 -1.98
CA TRP A 97 -7.44 -24.87 -2.22
C TRP A 97 -6.71 -25.37 -3.45
N MET A 98 -6.01 -26.49 -3.32
CA MET A 98 -5.41 -27.14 -4.48
C MET A 98 -5.81 -28.61 -4.47
N HIS A 99 -6.24 -29.11 -5.64
CA HIS A 99 -6.62 -30.49 -5.82
C HIS A 99 -6.29 -30.89 -7.26
N GLY A 100 -6.12 -32.18 -7.48
CA GLY A 100 -5.80 -32.66 -8.81
C GLY A 100 -5.72 -34.17 -8.83
N CYS A 101 -5.73 -34.70 -10.05
CA CYS A 101 -5.55 -36.12 -10.31
C CYS A 101 -4.52 -36.27 -11.41
N GLU A 102 -3.76 -37.37 -11.39
CA GLU A 102 -2.75 -37.58 -12.39
C GLU A 102 -2.80 -39.02 -12.91
N LEU A 103 -2.55 -39.17 -14.21
CA LEU A 103 -2.52 -40.47 -14.85
C LEU A 103 -1.10 -41.00 -14.98
N GLY A 104 -1.00 -42.31 -15.14
CA GLY A 104 0.25 -42.93 -15.48
C GLY A 104 0.41 -43.09 -16.98
N PRO A 105 1.55 -43.61 -17.41
CA PRO A 105 1.76 -43.87 -18.85
C PRO A 105 0.66 -44.72 -19.46
N ASP A 106 0.02 -45.59 -18.68
CA ASP A 106 -1.01 -46.49 -19.20
C ASP A 106 -2.36 -45.80 -19.43
N GLY A 107 -2.51 -44.53 -19.05
CA GLY A 107 -3.75 -43.79 -19.24
C GLY A 107 -4.76 -43.93 -18.11
N ARG A 108 -4.50 -44.79 -17.12
CA ARG A 108 -5.40 -45.02 -16.00
C ARG A 108 -5.02 -44.16 -14.79
N PHE A 109 -5.91 -44.18 -13.79
CA PHE A 109 -5.72 -43.34 -12.60
C PHE A 109 -4.50 -43.78 -11.80
N LEU A 110 -3.64 -42.82 -11.46
CA LEU A 110 -2.45 -43.07 -10.66
C LEU A 110 -2.51 -42.43 -9.27
N ARG A 111 -2.97 -41.19 -9.16
CA ARG A 111 -2.87 -40.50 -7.88
C ARG A 111 -3.80 -39.31 -7.88
N GLY A 112 -4.34 -39.00 -6.70
CA GLY A 112 -5.09 -37.78 -6.50
C GLY A 112 -4.68 -37.12 -5.20
N TYR A 113 -4.96 -35.82 -5.08
CA TYR A 113 -4.58 -35.06 -3.90
C TYR A 113 -5.59 -33.93 -3.69
N GLU A 114 -5.58 -33.38 -2.47
CA GLU A 114 -6.46 -32.27 -2.13
C GLU A 114 -5.95 -31.65 -0.85
N GLN A 115 -5.73 -30.33 -0.83
CA GLN A 115 -5.18 -29.71 0.37
C GLN A 115 -5.74 -28.30 0.58
N PHE A 116 -5.86 -27.90 1.85
CA PHE A 116 -6.34 -26.59 2.23
C PHE A 116 -5.29 -25.88 3.08
N ALA A 117 -5.20 -24.55 2.93
CA ALA A 117 -4.24 -23.73 3.68
C ALA A 117 -4.89 -22.41 4.09
N TYR A 118 -4.55 -21.96 5.29
CA TYR A 118 -5.01 -20.69 5.84
C TYR A 118 -3.81 -19.81 6.08
N ASP A 119 -3.76 -18.66 5.42
CA ASP A 119 -2.63 -17.74 5.56
C ASP A 119 -1.30 -18.46 5.33
N GLY A 120 -1.28 -19.34 4.30
CA GLY A 120 -0.04 -19.92 3.81
C GLY A 120 0.48 -21.14 4.53
N LYS A 121 -0.28 -21.70 5.46
CA LYS A 121 0.13 -22.88 6.21
C LYS A 121 -0.92 -23.97 6.09
N ASP A 122 -0.47 -25.21 6.20
CA ASP A 122 -1.38 -26.36 6.10
C ASP A 122 -2.48 -26.26 7.14
N TYR A 123 -3.72 -26.15 6.66
CA TYR A 123 -4.91 -26.15 7.50
C TYR A 123 -5.58 -27.50 7.53
N LEU A 124 -5.85 -28.07 6.36
CA LEU A 124 -6.53 -29.37 6.27
C LEU A 124 -6.00 -30.12 5.06
N THR A 125 -5.60 -31.36 5.27
CA THR A 125 -4.90 -32.13 4.26
C THR A 125 -5.57 -33.48 4.09
N LEU A 126 -5.96 -33.80 2.84
CA LEU A 126 -6.51 -35.10 2.55
C LEU A 126 -5.39 -36.14 2.50
N ASN A 127 -5.53 -37.22 3.26
CA ASN A 127 -4.43 -38.17 3.36
C ASN A 127 -4.31 -39.01 2.10
N GLU A 128 -3.09 -39.52 1.86
CA GLU A 128 -2.74 -40.15 0.59
C GLU A 128 -3.68 -41.29 0.23
N ASP A 129 -4.33 -41.91 1.21
CA ASP A 129 -5.31 -42.94 0.91
C ASP A 129 -6.65 -42.39 0.46
N LEU A 130 -6.83 -41.06 0.49
CA LEU A 130 -8.07 -40.38 0.09
C LEU A 130 -9.24 -40.80 0.96
N ARG A 131 -8.95 -41.27 2.17
CA ARG A 131 -9.95 -41.86 3.04
C ARG A 131 -10.14 -41.11 4.36
N SER A 132 -9.21 -40.24 4.73
CA SER A 132 -9.31 -39.51 5.99
C SER A 132 -8.62 -38.16 5.86
N TRP A 133 -9.06 -37.20 6.68
CA TRP A 133 -8.47 -35.87 6.73
C TRP A 133 -7.55 -35.73 7.92
N THR A 134 -6.53 -34.89 7.78
CA THR A 134 -5.56 -34.63 8.84
C THR A 134 -5.48 -33.13 9.08
N ALA A 135 -5.51 -32.72 10.34
CA ALA A 135 -5.34 -31.32 10.71
C ALA A 135 -4.14 -31.20 11.64
N VAL A 136 -3.34 -30.15 11.45
CA VAL A 136 -2.16 -29.95 12.28
C VAL A 136 -2.49 -29.08 13.49
N ASP A 137 -3.06 -27.91 13.28
CA ASP A 137 -3.38 -27.05 14.42
C ASP A 137 -4.52 -27.64 15.23
N THR A 138 -4.60 -27.22 16.50
CA THR A 138 -5.70 -27.67 17.36
C THR A 138 -7.04 -27.14 16.86
N ALA A 139 -7.08 -25.88 16.46
CA ALA A 139 -8.32 -25.31 15.94
C ALA A 139 -8.76 -26.01 14.66
N ALA A 140 -7.80 -26.38 13.80
CA ALA A 140 -8.17 -27.05 12.55
C ALA A 140 -8.90 -28.36 12.80
N GLN A 141 -8.67 -29.01 13.94
CA GLN A 141 -9.35 -30.26 14.21
C GLN A 141 -10.86 -30.09 14.35
N ILE A 142 -11.33 -28.88 14.66
CA ILE A 142 -12.77 -28.60 14.63
C ILE A 142 -13.33 -28.83 13.24
N SER A 143 -12.65 -28.30 12.22
CA SER A 143 -13.06 -28.54 10.84
C SER A 143 -12.86 -30.01 10.45
N GLU A 144 -11.80 -30.64 10.95
CA GLU A 144 -11.60 -32.04 10.59
C GLU A 144 -12.77 -32.91 11.07
N GLN A 145 -13.26 -32.66 12.29
CA GLN A 145 -14.35 -33.47 12.82
C GLN A 145 -15.66 -33.21 12.09
N LYS A 146 -15.92 -31.96 11.70
CA LYS A 146 -17.05 -31.67 10.83
C LYS A 146 -16.99 -32.52 9.57
N SER A 147 -15.81 -32.56 8.94
CA SER A 147 -15.65 -33.30 7.68
C SER A 147 -15.65 -34.81 7.89
N ASN A 148 -15.12 -35.30 9.02
CA ASN A 148 -15.20 -36.73 9.29
C ASN A 148 -16.65 -37.17 9.50
N ASP A 149 -17.45 -36.34 10.18
CA ASP A 149 -18.87 -36.67 10.39
C ASP A 149 -19.62 -36.70 9.07
N ALA A 150 -19.34 -35.74 8.20
CA ALA A 150 -20.03 -35.58 6.93
C ALA A 150 -19.55 -36.54 5.86
N SER A 151 -18.56 -37.40 6.17
CA SER A 151 -17.98 -38.33 5.19
C SER A 151 -17.48 -37.57 3.96
N GLU A 152 -16.76 -36.47 4.21
CA GLU A 152 -16.28 -35.62 3.12
C GLU A 152 -15.23 -36.34 2.28
N ALA A 153 -14.38 -37.16 2.92
CA ALA A 153 -13.37 -37.91 2.18
C ALA A 153 -13.99 -38.81 1.12
N GLU A 154 -15.19 -39.34 1.38
CA GLU A 154 -15.83 -40.22 0.43
C GLU A 154 -16.34 -39.45 -0.78
N HIS A 155 -16.82 -38.22 -0.57
CA HIS A 155 -17.24 -37.40 -1.70
C HIS A 155 -16.05 -36.96 -2.53
N GLN A 156 -14.96 -36.57 -1.87
CA GLN A 156 -13.79 -36.07 -2.58
C GLN A 156 -13.09 -37.19 -3.32
N ARG A 157 -13.07 -38.39 -2.74
CA ARG A 157 -12.43 -39.52 -3.40
C ARG A 157 -13.18 -39.91 -4.68
N ALA A 158 -14.50 -39.77 -4.68
CA ALA A 158 -15.28 -40.09 -5.87
C ALA A 158 -14.99 -39.11 -7.00
N TYR A 159 -14.84 -37.83 -6.65
CA TYR A 159 -14.49 -36.83 -7.65
C TYR A 159 -13.12 -37.13 -8.25
N LEU A 160 -12.12 -37.37 -7.39
CA LEU A 160 -10.75 -37.53 -7.89
C LEU A 160 -10.61 -38.79 -8.74
N GLU A 161 -11.17 -39.93 -8.29
CA GLU A 161 -10.94 -41.20 -8.98
C GLU A 161 -11.79 -41.38 -10.23
N ASP A 162 -13.00 -40.81 -10.28
CA ASP A 162 -13.88 -41.01 -11.43
C ASP A 162 -14.06 -39.75 -12.27
N THR A 163 -14.57 -38.67 -11.65
CA THR A 163 -14.90 -37.48 -12.42
C THR A 163 -13.66 -36.81 -13.01
N CYS A 164 -12.62 -36.62 -12.19
CA CYS A 164 -11.43 -35.93 -12.65
C CYS A 164 -10.77 -36.69 -13.79
N VAL A 165 -10.73 -38.01 -13.70
CA VAL A 165 -10.14 -38.83 -14.76
C VAL A 165 -10.95 -38.73 -16.04
N GLU A 166 -12.28 -38.82 -15.92
CA GLU A 166 -13.12 -38.81 -17.11
C GLU A 166 -13.04 -37.48 -17.84
N TRP A 167 -12.91 -36.39 -17.11
CA TRP A 167 -12.81 -35.10 -17.77
C TRP A 167 -11.39 -34.78 -18.22
N LEU A 168 -10.38 -35.34 -17.55
CA LEU A 168 -9.01 -35.16 -18.02
C LEU A 168 -8.81 -35.80 -19.39
N HIS A 169 -9.35 -37.02 -19.58
CA HIS A 169 -9.30 -37.67 -20.88
C HIS A 169 -10.00 -36.84 -21.95
N LYS A 170 -11.14 -36.23 -21.59
CA LYS A 170 -11.86 -35.40 -22.56
C LYS A 170 -11.03 -34.20 -22.99
N TYR A 171 -10.30 -33.59 -22.06
CA TYR A 171 -9.47 -32.45 -22.43
C TYR A 171 -8.29 -32.88 -23.27
N LEU A 172 -7.69 -34.02 -22.92
CA LEU A 172 -6.58 -34.53 -23.72
C LEU A 172 -7.04 -34.81 -25.14
N GLU A 173 -8.29 -35.21 -25.31
CA GLU A 173 -8.79 -35.46 -26.65
C GLU A 173 -9.05 -34.15 -27.38
N LYS A 174 -9.65 -33.17 -26.69
CA LYS A 174 -9.98 -31.92 -27.35
C LYS A 174 -8.74 -31.14 -27.75
N GLY A 175 -7.66 -31.24 -26.99
CA GLY A 175 -6.48 -30.44 -27.27
C GLY A 175 -5.20 -31.21 -27.52
N LYS A 176 -5.29 -32.43 -28.04
CA LYS A 176 -4.09 -33.26 -28.17
C LYS A 176 -3.08 -32.71 -29.16
N GLU A 177 -3.55 -31.96 -30.16
CA GLU A 177 -2.64 -31.39 -31.16
C GLU A 177 -1.54 -30.56 -30.51
N THR A 178 -1.82 -29.97 -29.35
CA THR A 178 -0.84 -29.15 -28.68
C THR A 178 -0.53 -29.63 -27.26
N LEU A 179 -1.40 -30.44 -26.65
CA LEU A 179 -1.14 -30.93 -25.30
C LEU A 179 -0.23 -32.16 -25.30
N LEU A 180 -0.29 -32.97 -26.34
CA LEU A 180 0.51 -34.18 -26.44
C LEU A 180 1.78 -33.95 -27.24
N HIS A 181 2.04 -32.71 -27.63
CA HIS A 181 3.24 -32.38 -28.38
C HIS A 181 4.36 -32.04 -27.41
N LEU A 182 5.45 -32.80 -27.49
CA LEU A 182 6.64 -32.57 -26.68
C LEU A 182 7.56 -31.59 -27.40
N GLU A 183 7.99 -30.56 -26.68
CA GLU A 183 8.94 -29.58 -27.20
C GLU A 183 10.28 -29.76 -26.51
N PRO A 184 11.31 -30.27 -27.18
CA PRO A 184 12.61 -30.40 -26.55
C PRO A 184 13.29 -29.05 -26.47
N PRO A 185 14.21 -28.85 -25.51
CA PRO A 185 14.86 -27.55 -25.35
C PRO A 185 15.94 -27.27 -26.39
N LYS A 186 16.10 -25.98 -26.68
CA LYS A 186 17.25 -25.44 -27.41
C LYS A 186 18.36 -25.11 -26.42
N THR A 187 19.51 -25.75 -26.57
CA THR A 187 20.59 -25.69 -25.59
C THR A 187 21.88 -25.18 -26.22
N HIS A 188 22.56 -24.26 -25.50
CA HIS A 188 23.86 -23.76 -25.89
C HIS A 188 24.59 -23.26 -24.64
N VAL A 189 25.91 -23.21 -24.71
CA VAL A 189 26.75 -22.83 -23.57
C VAL A 189 27.44 -21.51 -23.88
N THR A 190 27.39 -20.57 -22.94
CA THR A 190 28.01 -19.25 -23.08
C THR A 190 29.18 -19.07 -22.11
N HIS A 191 30.02 -18.09 -22.41
CA HIS A 191 31.26 -17.85 -21.68
C HIS A 191 31.46 -16.36 -21.47
N HIS A 192 31.57 -15.93 -20.21
CA HIS A 192 31.83 -14.55 -19.83
C HIS A 192 32.90 -14.49 -18.74
N PRO A 193 34.10 -14.04 -19.07
CA PRO A 193 35.21 -14.00 -18.10
C PRO A 193 34.94 -12.97 -17.02
N ILE A 194 34.97 -13.41 -15.76
CA ILE A 194 34.86 -12.50 -14.63
C ILE A 194 36.16 -11.75 -14.42
N SER A 195 37.29 -12.45 -14.50
CA SER A 195 38.61 -11.86 -14.26
C SER A 195 39.63 -12.63 -15.10
N ASP A 196 40.91 -12.38 -14.82
CA ASP A 196 41.96 -13.13 -15.50
C ASP A 196 42.08 -14.55 -14.99
N HIS A 197 41.65 -14.81 -13.76
CA HIS A 197 41.76 -16.14 -13.18
C HIS A 197 40.57 -17.03 -13.49
N GLU A 198 39.36 -16.47 -13.50
CA GLU A 198 38.15 -17.27 -13.59
C GLU A 198 37.24 -16.71 -14.67
N ALA A 199 36.37 -17.59 -15.17
CA ALA A 199 35.34 -17.24 -16.14
C ALA A 199 34.07 -17.99 -15.78
N THR A 200 32.95 -17.50 -16.32
CA THR A 200 31.64 -18.11 -16.11
C THR A 200 31.22 -18.90 -17.34
N LEU A 201 30.77 -20.13 -17.11
CA LEU A 201 30.12 -20.95 -18.12
C LEU A 201 28.66 -21.07 -17.74
N ARG A 202 27.75 -20.72 -18.66
CA ARG A 202 26.32 -20.74 -18.38
C ARG A 202 25.64 -21.66 -19.39
N CYS A 203 24.93 -22.67 -18.89
CA CYS A 203 24.26 -23.66 -19.74
C CYS A 203 22.78 -23.31 -19.89
N TRP A 204 22.36 -23.02 -21.11
CA TRP A 204 21.00 -22.54 -21.38
C TRP A 204 20.10 -23.65 -21.90
N ALA A 205 18.84 -23.62 -21.46
CA ALA A 205 17.79 -24.47 -22.00
C ALA A 205 16.56 -23.60 -22.25
N LEU A 206 16.12 -23.50 -23.50
CA LEU A 206 15.09 -22.53 -23.86
C LEU A 206 14.00 -23.17 -24.71
N GLY A 207 12.77 -22.67 -24.55
CA GLY A 207 11.65 -23.04 -25.42
C GLY A 207 11.21 -24.48 -25.37
N PHE A 208 11.22 -25.10 -24.19
CA PHE A 208 10.83 -26.49 -24.01
C PHE A 208 9.48 -26.61 -23.31
N TYR A 209 8.81 -27.72 -23.54
CA TYR A 209 7.54 -28.06 -22.90
C TYR A 209 7.51 -29.58 -22.75
N PRO A 210 7.12 -30.13 -21.60
CA PRO A 210 6.71 -29.51 -20.33
C PRO A 210 7.85 -28.87 -19.52
N ALA A 211 7.51 -28.38 -18.33
CA ALA A 211 8.44 -27.59 -17.51
C ALA A 211 9.51 -28.44 -16.85
N GLU A 212 9.23 -29.71 -16.60
CA GLU A 212 10.20 -30.55 -15.89
C GLU A 212 11.49 -30.69 -16.70
N ILE A 213 12.62 -30.42 -16.04
CA ILE A 213 13.92 -30.46 -16.70
C ILE A 213 15.01 -30.64 -15.66
N THR A 214 16.22 -31.01 -16.11
CA THR A 214 17.37 -31.19 -15.24
C THR A 214 18.62 -30.69 -15.95
N LEU A 215 19.35 -29.77 -15.32
CA LEU A 215 20.61 -29.29 -15.83
C LEU A 215 21.71 -29.55 -14.80
N THR A 216 22.78 -30.22 -15.22
CA THR A 216 23.86 -30.60 -14.32
C THR A 216 25.20 -30.24 -14.95
N TRP A 217 26.10 -29.69 -14.14
CA TRP A 217 27.49 -29.47 -14.51
C TRP A 217 28.34 -30.58 -13.92
N GLN A 218 29.29 -31.07 -14.70
CA GLN A 218 30.17 -32.15 -14.28
C GLN A 218 31.57 -31.90 -14.79
N GLN A 219 32.55 -32.27 -13.98
CA GLN A 219 33.96 -32.09 -14.29
C GLN A 219 34.58 -33.43 -14.69
N ASP A 220 35.37 -33.41 -15.76
CA ASP A 220 36.10 -34.59 -16.23
C ASP A 220 36.80 -35.33 -15.09
N GLN A 226 33.30 -27.68 -7.50
CA GLN A 226 32.71 -26.43 -7.03
C GLN A 226 31.16 -26.40 -7.02
N ASP A 227 30.62 -25.26 -6.56
CA ASP A 227 29.18 -25.07 -6.41
C ASP A 227 28.56 -24.56 -7.71
N THR A 228 27.36 -25.06 -8.01
CA THR A 228 26.60 -24.71 -9.19
C THR A 228 25.48 -23.74 -8.80
N GLU A 229 25.27 -22.70 -9.61
CA GLU A 229 24.17 -21.76 -9.43
C GLU A 229 23.03 -22.07 -10.40
N LEU A 230 21.91 -22.53 -9.87
CA LEU A 230 20.71 -22.80 -10.64
C LEU A 230 19.73 -21.64 -10.53
N VAL A 231 18.88 -21.51 -11.55
CA VAL A 231 17.75 -20.59 -11.51
C VAL A 231 16.45 -21.36 -11.63
N GLU A 232 15.41 -20.78 -11.07
CA GLU A 232 14.10 -21.39 -11.15
C GLU A 232 13.62 -21.40 -12.59
N THR A 233 13.02 -22.51 -12.98
CA THR A 233 12.39 -22.60 -14.29
C THR A 233 11.36 -21.49 -14.40
N ARG A 234 11.37 -20.76 -15.50
CA ARG A 234 10.54 -19.59 -15.66
C ARG A 234 9.74 -19.66 -16.95
N PRO A 235 8.55 -19.06 -16.99
CA PRO A 235 7.74 -19.10 -18.21
C PRO A 235 8.24 -18.11 -19.26
N ALA A 236 8.31 -18.56 -20.52
CA ALA A 236 8.69 -17.66 -21.60
C ALA A 236 7.56 -16.69 -21.96
N GLY A 237 6.31 -17.07 -21.74
CA GLY A 237 5.16 -16.26 -22.09
C GLY A 237 4.33 -16.81 -23.22
N ASP A 238 4.81 -17.83 -23.94
CA ASP A 238 4.12 -18.45 -25.06
C ASP A 238 3.79 -19.91 -24.77
N GLY A 239 3.89 -20.34 -23.53
CA GLY A 239 3.58 -21.71 -23.18
C GLY A 239 4.78 -22.62 -22.97
N THR A 240 5.98 -22.23 -23.41
CA THR A 240 7.22 -22.93 -23.12
C THR A 240 7.92 -22.30 -21.92
N PHE A 241 8.99 -22.98 -21.48
CA PHE A 241 9.72 -22.61 -20.28
C PHE A 241 11.20 -22.42 -20.59
N GLN A 242 11.90 -21.81 -19.62
CA GLN A 242 13.33 -21.50 -19.73
C GLN A 242 14.05 -21.85 -18.44
N LYS A 243 15.37 -22.06 -18.56
CA LYS A 243 16.21 -22.33 -17.40
C LYS A 243 17.66 -22.26 -17.80
N TRP A 244 18.54 -22.01 -16.82
CA TRP A 244 19.97 -22.08 -17.06
C TRP A 244 20.70 -22.45 -15.78
N ALA A 245 21.93 -22.93 -15.95
CA ALA A 245 22.78 -23.36 -14.85
C ALA A 245 24.20 -22.85 -15.08
N ALA A 246 24.78 -22.17 -14.10
CA ALA A 246 26.09 -21.53 -14.27
C ALA A 246 27.10 -22.02 -13.24
N VAL A 247 28.37 -22.00 -13.64
CA VAL A 247 29.48 -22.43 -12.79
C VAL A 247 30.70 -21.58 -13.11
N VAL A 248 31.46 -21.22 -12.08
CA VAL A 248 32.68 -20.44 -12.26
C VAL A 248 33.87 -21.38 -12.35
N VAL A 249 34.67 -21.21 -13.41
CA VAL A 249 35.72 -22.18 -13.75
C VAL A 249 37.05 -21.45 -13.95
N PRO A 250 38.18 -22.07 -13.62
CA PRO A 250 39.48 -21.42 -13.87
C PRO A 250 39.74 -21.23 -15.36
N SER A 251 40.22 -20.03 -15.72
CA SER A 251 40.50 -19.71 -17.11
C SER A 251 41.59 -20.61 -17.68
N GLY A 252 41.33 -21.18 -18.86
CA GLY A 252 42.21 -22.15 -19.47
C GLY A 252 41.74 -23.58 -19.35
N GLU A 253 40.86 -23.88 -18.40
CA GLU A 253 40.31 -25.21 -18.19
C GLU A 253 38.85 -25.31 -18.58
N GLU A 254 38.36 -24.40 -19.43
CA GLU A 254 36.93 -24.36 -19.76
C GLU A 254 36.46 -25.64 -20.43
N GLN A 255 37.31 -26.24 -21.28
CA GLN A 255 36.88 -27.42 -22.03
C GLN A 255 36.68 -28.65 -21.15
N ARG A 256 37.20 -28.64 -19.92
CA ARG A 256 37.06 -29.80 -19.04
C ARG A 256 35.64 -30.02 -18.52
N TYR A 257 34.78 -29.00 -18.51
CA TYR A 257 33.46 -29.12 -17.87
C TYR A 257 32.37 -29.32 -18.92
N THR A 258 31.48 -30.29 -18.66
CA THR A 258 30.34 -30.56 -19.53
C THR A 258 29.04 -30.32 -18.79
N CYS A 259 28.02 -29.94 -19.56
CA CYS A 259 26.66 -29.71 -19.06
C CYS A 259 25.75 -30.84 -19.54
N HIS A 260 24.99 -31.42 -18.61
CA HIS A 260 24.07 -32.52 -18.89
C HIS A 260 22.64 -32.03 -18.80
N VAL A 261 21.85 -32.30 -19.83
CA VAL A 261 20.47 -31.83 -19.94
C VAL A 261 19.54 -33.02 -20.10
N GLN A 262 18.55 -33.14 -19.23
CA GLN A 262 17.56 -34.21 -19.28
C GLN A 262 16.18 -33.59 -19.44
N HIS A 263 15.44 -34.02 -20.47
CA HIS A 263 14.10 -33.51 -20.74
C HIS A 263 13.29 -34.55 -21.50
N GLU A 264 12.00 -34.62 -21.21
CA GLU A 264 11.13 -35.63 -21.80
C GLU A 264 11.03 -35.50 -23.33
N GLY A 265 11.25 -34.30 -23.87
CA GLY A 265 11.24 -34.13 -25.31
C GLY A 265 12.49 -34.58 -26.04
N LEU A 266 13.60 -34.85 -25.33
CA LEU A 266 14.86 -35.27 -25.96
C LEU A 266 14.85 -36.77 -26.21
N PRO A 267 15.19 -37.24 -27.43
CA PRO A 267 15.28 -38.69 -27.64
C PRO A 267 16.25 -39.35 -26.68
N GLU A 268 17.34 -38.67 -26.33
CA GLU A 268 18.29 -39.11 -25.33
C GLU A 268 18.83 -37.87 -24.63
N PRO A 269 19.34 -38.00 -23.40
CA PRO A 269 19.95 -36.84 -22.73
C PRO A 269 21.08 -36.25 -23.55
N VAL A 270 21.33 -34.96 -23.35
CA VAL A 270 22.25 -34.18 -24.17
C VAL A 270 23.42 -33.73 -23.30
N THR A 271 24.64 -33.80 -23.86
CA THR A 271 25.86 -33.32 -23.21
C THR A 271 26.48 -32.22 -24.04
N LEU A 272 26.93 -31.16 -23.37
CA LEU A 272 27.40 -29.94 -24.02
C LEU A 272 28.80 -29.59 -23.55
N ARG A 273 29.57 -28.99 -24.45
CA ARG A 273 30.90 -28.47 -24.20
C ARG A 273 31.02 -27.12 -24.89
N TRP A 274 31.72 -26.19 -24.25
CA TRP A 274 31.90 -24.86 -24.82
C TRP A 274 32.82 -24.89 -26.03
N MET B 1 1.62 -14.50 11.45
CA MET B 1 1.22 -14.82 10.08
C MET B 1 2.42 -15.00 9.17
N ILE B 2 2.35 -16.01 8.30
CA ILE B 2 3.44 -16.25 7.37
C ILE B 2 3.46 -15.14 6.33
N GLN B 3 4.63 -14.53 6.15
CA GLN B 3 4.88 -13.62 5.04
C GLN B 3 6.17 -14.07 4.35
N ARG B 4 6.14 -14.15 3.03
CA ARG B 4 7.26 -14.61 2.23
C ARG B 4 7.68 -13.50 1.27
N THR B 5 9.00 -13.31 1.09
CA THR B 5 9.43 -12.23 0.22
C THR B 5 9.56 -12.72 -1.23
N PRO B 6 9.28 -11.88 -2.23
CA PRO B 6 9.22 -12.35 -3.62
C PRO B 6 10.58 -12.53 -4.30
N LYS B 7 10.69 -13.64 -5.06
CA LYS B 7 11.75 -13.81 -6.03
C LYS B 7 11.40 -13.10 -7.33
N ILE B 8 12.40 -12.47 -7.93
CA ILE B 8 12.23 -11.62 -9.11
C ILE B 8 13.21 -12.11 -10.18
N GLN B 9 12.70 -12.28 -11.40
CA GLN B 9 13.54 -12.54 -12.57
C GLN B 9 13.12 -11.62 -13.71
N VAL B 10 14.10 -10.96 -14.33
CA VAL B 10 13.86 -10.11 -15.50
C VAL B 10 14.66 -10.67 -16.66
N TYR B 11 13.99 -10.86 -17.80
CA TYR B 11 14.54 -11.64 -18.91
C TYR B 11 13.61 -11.48 -20.12
N SER B 12 14.14 -11.84 -21.28
CA SER B 12 13.43 -11.72 -22.56
C SER B 12 12.95 -13.10 -23.05
N ARG B 13 11.83 -13.09 -23.78
CA ARG B 13 11.28 -14.33 -24.30
C ARG B 13 12.22 -14.99 -25.29
N HIS B 14 12.90 -14.21 -26.10
CA HIS B 14 13.86 -14.68 -27.08
C HIS B 14 15.25 -14.14 -26.75
N PRO B 15 16.31 -14.76 -27.28
CA PRO B 15 17.66 -14.20 -27.10
C PRO B 15 17.73 -12.79 -27.64
N ALA B 16 18.31 -11.89 -26.84
CA ALA B 16 18.28 -10.47 -27.13
C ALA B 16 19.12 -10.15 -28.37
N GLU B 17 18.57 -9.35 -29.27
CA GLU B 17 19.29 -8.89 -30.45
C GLU B 17 18.84 -7.47 -30.76
N ASN B 18 19.78 -6.53 -30.75
CA ASN B 18 19.45 -5.13 -30.94
C ASN B 18 18.70 -4.91 -32.24
N GLY B 19 17.55 -4.25 -32.14
CA GLY B 19 16.73 -3.98 -33.30
C GLY B 19 15.69 -5.03 -33.61
N LYS B 20 15.70 -6.17 -32.92
CA LYS B 20 14.74 -7.23 -33.22
C LYS B 20 13.62 -7.24 -32.18
N SER B 21 12.43 -7.64 -32.63
CA SER B 21 11.24 -7.64 -31.79
C SER B 21 11.31 -8.74 -30.74
N ASN B 22 10.79 -8.45 -29.55
CA ASN B 22 10.92 -9.40 -28.45
C ASN B 22 9.88 -9.09 -27.39
N PHE B 23 9.95 -9.83 -26.28
CA PHE B 23 9.06 -9.62 -25.15
C PHE B 23 9.88 -9.50 -23.87
N LEU B 24 9.59 -8.46 -23.09
CA LEU B 24 10.20 -8.27 -21.78
C LEU B 24 9.33 -8.95 -20.71
N ASN B 25 9.97 -9.74 -19.85
CA ASN B 25 9.26 -10.49 -18.82
C ASN B 25 9.77 -10.12 -17.44
N CYS B 26 8.84 -9.95 -16.49
CA CYS B 26 9.15 -9.93 -15.07
C CYS B 26 8.35 -11.02 -14.38
N TYR B 27 9.04 -11.99 -13.79
CA TYR B 27 8.45 -13.14 -13.14
C TYR B 27 8.63 -13.00 -11.63
N VAL B 28 7.52 -12.89 -10.90
CA VAL B 28 7.55 -12.80 -9.44
C VAL B 28 6.99 -14.11 -8.88
N SER B 29 7.72 -14.69 -7.94
CA SER B 29 7.36 -16.01 -7.42
C SER B 29 7.81 -16.12 -5.97
N GLY B 30 7.24 -17.10 -5.28
CA GLY B 30 7.58 -17.36 -3.89
C GLY B 30 7.15 -16.31 -2.87
N PHE B 31 6.15 -15.49 -3.18
CA PHE B 31 5.70 -14.44 -2.27
C PHE B 31 4.35 -14.78 -1.64
N HIS B 32 4.09 -14.16 -0.47
CA HIS B 32 2.90 -14.40 0.34
C HIS B 32 2.77 -13.30 1.39
N PRO B 33 1.62 -12.60 1.49
CA PRO B 33 0.34 -12.78 0.79
C PRO B 33 0.34 -12.40 -0.69
N SER B 34 -0.82 -12.57 -1.34
CA SER B 34 -0.85 -12.45 -2.80
C SER B 34 -0.75 -11.00 -3.26
N ASP B 35 -1.14 -10.04 -2.43
CA ASP B 35 -1.18 -8.66 -2.88
C ASP B 35 0.24 -8.13 -3.15
N ILE B 36 0.44 -7.63 -4.38
CA ILE B 36 1.76 -7.25 -4.87
C ILE B 36 1.61 -6.11 -5.88
N GLU B 37 2.70 -5.34 -6.05
CA GLU B 37 2.80 -4.29 -7.05
C GLU B 37 3.98 -4.60 -7.97
N VAL B 38 3.75 -4.60 -9.29
CA VAL B 38 4.80 -4.88 -10.28
C VAL B 38 4.67 -3.90 -11.43
N ASP B 39 5.77 -3.22 -11.77
CA ASP B 39 5.81 -2.32 -12.91
C ASP B 39 7.08 -2.56 -13.70
N LEU B 40 6.96 -2.60 -15.03
CA LEU B 40 8.12 -2.64 -15.90
C LEU B 40 8.59 -1.23 -16.22
N LEU B 41 9.90 -1.06 -16.29
CA LEU B 41 10.53 0.25 -16.47
C LEU B 41 11.30 0.29 -17.79
N LYS B 42 11.30 1.46 -18.43
CA LYS B 42 12.16 1.73 -19.58
C LYS B 42 12.85 3.06 -19.34
N ASN B 43 14.17 3.02 -19.16
CA ASN B 43 14.95 4.20 -18.75
C ASN B 43 14.32 4.87 -17.53
N GLY B 44 13.81 4.05 -16.61
CA GLY B 44 13.26 4.54 -15.37
C GLY B 44 11.78 4.88 -15.40
N GLU B 45 11.20 5.07 -16.59
CA GLU B 45 9.78 5.43 -16.71
C GLU B 45 8.94 4.15 -16.90
N ARG B 46 7.71 4.19 -16.38
CA ARG B 46 6.88 2.99 -16.33
C ARG B 46 6.22 2.71 -17.68
N ILE B 47 6.27 1.46 -18.12
CA ILE B 47 5.63 1.06 -19.38
C ILE B 47 4.14 0.99 -19.17
N GLU B 48 3.38 1.44 -20.17
CA GLU B 48 1.98 1.80 -19.97
C GLU B 48 1.06 0.58 -19.94
N LYS B 49 1.18 -0.31 -20.92
CA LYS B 49 0.19 -1.37 -21.15
C LYS B 49 0.86 -2.73 -20.95
N VAL B 50 1.17 -3.05 -19.71
CA VAL B 50 1.74 -4.34 -19.32
C VAL B 50 0.62 -5.25 -18.85
N GLU B 51 0.60 -6.49 -19.33
CA GLU B 51 -0.41 -7.47 -18.98
C GLU B 51 0.20 -8.52 -18.06
N HIS B 52 -0.65 -9.31 -17.41
CA HIS B 52 -0.12 -10.29 -16.47
C HIS B 52 -0.98 -11.54 -16.43
N SER B 53 -0.35 -12.65 -16.05
CA SER B 53 -1.06 -13.91 -16.01
C SER B 53 -2.00 -13.96 -14.79
N ASP B 54 -2.87 -14.99 -14.79
CA ASP B 54 -3.87 -15.17 -13.74
C ASP B 54 -3.23 -15.78 -12.50
N LEU B 55 -3.64 -15.31 -11.32
CA LEU B 55 -2.97 -15.69 -10.08
C LEU B 55 -3.04 -17.19 -9.85
N SER B 56 -1.93 -17.76 -9.39
CA SER B 56 -1.84 -19.18 -9.09
C SER B 56 -0.67 -19.37 -8.14
N PHE B 57 -0.51 -20.58 -7.61
CA PHE B 57 0.46 -20.75 -6.55
C PHE B 57 1.12 -22.12 -6.63
N SER B 58 2.27 -22.22 -5.95
CA SER B 58 3.07 -23.42 -6.00
C SER B 58 2.69 -24.38 -4.87
N LYS B 59 3.30 -25.57 -4.93
CA LYS B 59 3.08 -26.62 -3.94
C LYS B 59 3.23 -26.13 -2.50
N ASP B 60 4.13 -25.17 -2.25
CA ASP B 60 4.34 -24.67 -0.89
C ASP B 60 3.40 -23.51 -0.53
N TRP B 61 2.38 -23.28 -1.35
CA TRP B 61 1.33 -22.27 -1.22
C TRP B 61 1.74 -20.86 -1.63
N SER B 62 2.96 -20.63 -2.10
CA SER B 62 3.37 -19.28 -2.46
C SER B 62 2.95 -18.95 -3.89
N PHE B 63 2.63 -17.69 -4.13
CA PHE B 63 2.04 -17.27 -5.39
C PHE B 63 3.11 -16.92 -6.42
N TYR B 64 2.73 -17.02 -7.69
CA TYR B 64 3.60 -16.57 -8.77
C TYR B 64 2.78 -15.89 -9.85
N LEU B 65 3.41 -14.93 -10.55
CA LEU B 65 2.77 -14.15 -11.59
C LEU B 65 3.81 -13.74 -12.63
N LEU B 66 3.38 -13.68 -13.89
CA LEU B 66 4.24 -13.19 -14.97
C LEU B 66 3.68 -11.88 -15.48
N TYR B 67 4.51 -10.84 -15.50
CA TYR B 67 4.17 -9.58 -16.14
C TYR B 67 4.99 -9.45 -17.43
N TYR B 68 4.36 -8.97 -18.51
CA TYR B 68 5.04 -8.96 -19.80
C TYR B 68 4.51 -7.85 -20.70
N THR B 69 5.29 -7.55 -21.74
CA THR B 69 4.96 -6.53 -22.73
C THR B 69 5.95 -6.65 -23.89
N GLU B 70 5.57 -6.08 -25.03
CA GLU B 70 6.43 -6.06 -26.20
C GLU B 70 7.49 -4.99 -26.06
N PHE B 71 8.69 -5.25 -26.58
CA PHE B 71 9.72 -4.22 -26.56
C PHE B 71 10.79 -4.52 -27.62
N THR B 72 11.72 -3.59 -27.78
CA THR B 72 12.79 -3.68 -28.79
C THR B 72 14.12 -3.33 -28.14
N PRO B 73 14.95 -4.31 -27.81
CA PRO B 73 16.20 -4.01 -27.09
C PRO B 73 17.20 -3.28 -27.99
N THR B 74 17.89 -2.32 -27.39
CA THR B 74 18.99 -1.62 -28.03
C THR B 74 20.19 -1.65 -27.11
N GLU B 75 21.35 -1.22 -27.64
CA GLU B 75 22.58 -1.30 -26.87
C GLU B 75 22.53 -0.38 -25.65
N LYS B 76 21.87 0.77 -25.77
CA LYS B 76 21.91 1.81 -24.76
C LYS B 76 20.72 1.80 -23.81
N ASP B 77 19.57 1.27 -24.22
CA ASP B 77 18.38 1.32 -23.39
C ASP B 77 18.45 0.29 -22.27
N GLU B 78 18.03 0.70 -21.08
CA GLU B 78 18.01 -0.16 -19.90
C GLU B 78 16.56 -0.38 -19.45
N TYR B 79 16.22 -1.64 -19.19
CA TYR B 79 14.89 -2.03 -18.73
C TYR B 79 14.97 -2.62 -17.32
N ALA B 80 13.89 -2.47 -16.55
CA ALA B 80 13.89 -2.90 -15.17
C ALA B 80 12.49 -3.27 -14.71
N CYS B 81 12.44 -3.94 -13.56
CA CYS B 81 11.20 -4.37 -12.92
C CYS B 81 11.15 -3.76 -11.52
N ARG B 82 9.98 -3.20 -11.17
CA ARG B 82 9.78 -2.54 -9.87
C ARG B 82 8.72 -3.29 -9.09
N VAL B 83 9.10 -3.89 -7.96
CA VAL B 83 8.23 -4.74 -7.17
C VAL B 83 8.18 -4.22 -5.74
N ASN B 84 6.97 -4.11 -5.18
CA ASN B 84 6.76 -3.72 -3.81
C ASN B 84 5.84 -4.74 -3.14
N HIS B 85 6.12 -5.05 -1.88
CA HIS B 85 5.43 -6.10 -1.16
C HIS B 85 5.52 -5.79 0.33
N VAL B 86 4.64 -6.39 1.11
CA VAL B 86 4.66 -6.09 2.53
C VAL B 86 5.96 -6.56 3.17
N THR B 87 6.58 -7.59 2.60
CA THR B 87 7.85 -8.07 3.10
C THR B 87 9.02 -7.15 2.80
N LEU B 88 8.85 -6.19 1.89
CA LEU B 88 9.92 -5.28 1.47
C LEU B 88 9.83 -4.00 2.28
N SER B 89 10.97 -3.49 2.75
CA SER B 89 10.99 -2.19 3.39
C SER B 89 10.83 -1.06 2.38
N GLN B 90 11.16 -1.32 1.11
CA GLN B 90 11.12 -0.35 0.04
C GLN B 90 11.05 -1.11 -1.27
N PRO B 91 10.42 -0.56 -2.31
CA PRO B 91 10.33 -1.28 -3.58
C PRO B 91 11.72 -1.65 -4.10
N LYS B 92 11.84 -2.87 -4.62
CA LYS B 92 13.09 -3.36 -5.17
C LYS B 92 13.11 -3.21 -6.69
N ILE B 93 14.26 -2.76 -7.20
CA ILE B 93 14.50 -2.65 -8.64
C ILE B 93 15.48 -3.74 -9.03
N VAL B 94 15.14 -4.49 -10.07
CA VAL B 94 16.02 -5.49 -10.65
C VAL B 94 16.23 -5.08 -12.10
N LYS B 95 17.48 -4.82 -12.48
CA LYS B 95 17.80 -4.42 -13.83
C LYS B 95 17.81 -5.64 -14.74
N TRP B 96 17.51 -5.41 -16.02
CA TRP B 96 17.54 -6.47 -17.01
C TRP B 96 18.96 -6.65 -17.51
N ASP B 97 19.46 -7.88 -17.38
CA ASP B 97 20.75 -8.29 -17.91
C ASP B 97 20.49 -9.31 -19.01
N ARG B 98 20.71 -8.91 -20.27
CA ARG B 98 20.37 -9.79 -21.39
C ARG B 98 21.15 -11.10 -21.40
N ASP B 99 22.21 -11.23 -20.60
CA ASP B 99 22.97 -12.48 -20.48
C ASP B 99 22.51 -13.33 -19.30
N MET B 100 21.33 -13.08 -18.75
CA MET B 100 20.80 -13.84 -17.60
C MET B 100 19.29 -14.05 -17.72
N GLY C 1 -5.70 41.82 18.20
CA GLY C 1 -4.72 40.88 18.73
C GLY C 1 -3.71 40.46 17.68
N SER C 2 -3.05 39.34 17.91
CA SER C 2 -2.10 38.83 16.95
C SER C 2 -2.82 38.13 15.82
N HIS C 3 -2.25 38.21 14.61
CA HIS C 3 -2.78 37.53 13.44
C HIS C 3 -1.64 37.02 12.58
N SER C 4 -1.94 36.12 11.65
CA SER C 4 -0.89 35.52 10.82
C SER C 4 -1.44 35.07 9.47
N LEU C 5 -0.54 35.00 8.49
CA LEU C 5 -0.83 34.48 7.16
C LEU C 5 0.21 33.41 6.84
N LYS C 6 -0.22 32.14 6.77
CA LYS C 6 0.71 31.02 6.64
C LYS C 6 0.35 30.10 5.47
N TYR C 7 1.37 29.62 4.76
CA TYR C 7 1.22 28.67 3.66
C TYR C 7 2.11 27.46 3.87
N PHE C 8 1.60 26.29 3.48
CA PHE C 8 2.28 25.02 3.60
C PHE C 8 2.22 24.33 2.25
N HIS C 9 3.39 24.04 1.67
CA HIS C 9 3.48 23.39 0.36
C HIS C 9 4.07 22.00 0.52
N THR C 10 3.48 21.01 -0.14
CA THR C 10 3.97 19.64 -0.05
C THR C 10 4.10 19.05 -1.45
N SER C 11 5.27 18.50 -1.74
CA SER C 11 5.57 17.86 -3.00
C SER C 11 6.10 16.46 -2.74
N VAL C 12 5.50 15.45 -3.37
CA VAL C 12 5.88 14.05 -3.17
C VAL C 12 6.16 13.42 -4.52
N SER C 13 7.37 12.88 -4.68
CA SER C 13 7.84 12.34 -5.94
C SER C 13 7.18 11.00 -6.24
N ARG C 14 7.01 10.72 -7.52
CA ARG C 14 6.40 9.47 -7.98
C ARG C 14 7.39 8.86 -8.96
N PRO C 15 8.25 7.96 -8.50
CA PRO C 15 9.51 7.68 -9.21
C PRO C 15 9.40 7.44 -10.70
N GLY C 16 8.46 6.60 -11.14
CA GLY C 16 8.41 6.29 -12.55
C GLY C 16 7.14 6.69 -13.26
N ARG C 17 6.35 7.60 -12.66
CA ARG C 17 5.06 7.98 -13.20
C ARG C 17 4.99 9.48 -13.52
N GLY C 18 6.12 10.16 -13.61
CA GLY C 18 6.15 11.50 -14.22
C GLY C 18 6.12 12.62 -13.17
N GLU C 19 5.00 13.27 -13.08
CA GLU C 19 4.90 14.48 -12.28
C GLU C 19 4.75 14.14 -10.79
N PRO C 20 5.37 14.90 -9.91
CA PRO C 20 5.12 14.73 -8.48
C PRO C 20 3.81 15.37 -8.07
N ARG C 21 3.18 14.78 -7.05
CA ARG C 21 1.98 15.36 -6.47
C ARG C 21 2.34 16.62 -5.70
N PHE C 22 1.64 17.71 -5.98
CA PHE C 22 1.92 19.00 -5.35
C PHE C 22 0.65 19.58 -4.77
N ILE C 23 0.68 19.90 -3.48
CA ILE C 23 -0.46 20.43 -2.75
C ILE C 23 -0.01 21.64 -1.95
N SER C 24 -0.80 22.71 -1.99
CA SER C 24 -0.49 23.97 -1.32
C SER C 24 -1.74 24.50 -0.63
N VAL C 25 -1.65 24.80 0.68
CA VAL C 25 -2.80 25.29 1.45
C VAL C 25 -2.43 26.59 2.14
N GLY C 26 -3.39 27.51 2.24
CA GLY C 26 -3.18 28.81 2.86
C GLY C 26 -4.08 29.04 4.05
N TYR C 27 -3.55 29.71 5.06
CA TYR C 27 -4.27 29.92 6.32
C TYR C 27 -4.24 31.38 6.73
N VAL C 28 -5.34 31.83 7.33
CA VAL C 28 -5.38 33.08 8.07
C VAL C 28 -5.69 32.69 9.51
N ASP C 29 -4.75 32.97 10.42
CA ASP C 29 -4.85 32.46 11.78
C ASP C 29 -5.07 30.96 11.71
N ASP C 30 -6.18 30.45 12.26
CA ASP C 30 -6.45 29.03 12.17
C ASP C 30 -7.54 28.69 11.13
N THR C 31 -7.81 29.58 10.17
CA THR C 31 -8.82 29.36 9.14
C THR C 31 -8.16 29.14 7.78
N GLN C 32 -8.45 28.01 7.15
CA GLN C 32 -7.95 27.78 5.80
C GLN C 32 -8.79 28.56 4.78
N PHE C 33 -8.11 29.22 3.83
CA PHE C 33 -8.84 30.02 2.85
C PHE C 33 -8.54 29.71 1.38
N VAL C 34 -7.44 29.06 1.04
CA VAL C 34 -7.16 28.70 -0.34
C VAL C 34 -6.55 27.30 -0.39
N ARG C 35 -6.50 26.75 -1.61
CA ARG C 35 -5.94 25.43 -1.83
C ARG C 35 -5.49 25.35 -3.29
N PHE C 36 -4.32 24.75 -3.52
CA PHE C 36 -3.88 24.41 -4.86
C PHE C 36 -3.41 22.95 -4.87
N ASP C 37 -3.94 22.17 -5.81
CA ASP C 37 -3.64 20.73 -5.92
C ASP C 37 -3.40 20.40 -7.38
N ASN C 38 -2.21 19.89 -7.71
CA ASN C 38 -1.89 19.66 -9.11
C ASN C 38 -2.46 18.34 -9.64
N ASP C 39 -3.22 17.61 -8.82
CA ASP C 39 -3.91 16.40 -9.24
C ASP C 39 -5.27 16.77 -9.85
N ALA C 40 -5.20 17.43 -11.00
CA ALA C 40 -6.39 17.87 -11.72
C ALA C 40 -5.98 18.18 -13.16
N ALA C 41 -6.98 18.31 -14.03
CA ALA C 41 -6.72 18.54 -15.45
C ALA C 41 -6.00 19.86 -15.67
N SER C 42 -6.55 20.95 -15.16
CA SER C 42 -5.92 22.27 -15.26
C SER C 42 -5.89 22.88 -13.86
N PRO C 43 -4.87 22.55 -13.07
CA PRO C 43 -4.87 22.92 -11.66
C PRO C 43 -4.87 24.43 -11.45
N ARG C 44 -5.74 24.88 -10.54
CA ARG C 44 -5.91 26.29 -10.23
C ARG C 44 -5.96 26.45 -8.72
N MET C 45 -5.72 27.65 -8.24
CA MET C 45 -5.96 27.97 -6.85
C MET C 45 -7.46 28.23 -6.68
N VAL C 46 -8.06 27.61 -5.69
CA VAL C 46 -9.51 27.72 -5.47
C VAL C 46 -9.73 28.27 -4.07
N PRO C 47 -10.91 28.85 -3.81
CA PRO C 47 -11.22 29.35 -2.46
C PRO C 47 -11.71 28.25 -1.55
N ARG C 48 -11.31 28.32 -0.28
CA ARG C 48 -11.76 27.37 0.72
C ARG C 48 -12.49 28.02 1.90
N ALA C 49 -12.76 29.32 1.82
CA ALA C 49 -13.56 30.03 2.80
C ALA C 49 -14.55 30.92 2.06
N PRO C 50 -15.78 31.07 2.56
CA PRO C 50 -16.79 31.79 1.79
C PRO C 50 -16.46 33.25 1.53
N TRP C 51 -15.67 33.89 2.39
CA TRP C 51 -15.32 35.28 2.13
C TRP C 51 -14.26 35.44 1.04
N MET C 52 -13.76 34.35 0.46
CA MET C 52 -12.80 34.43 -0.64
C MET C 52 -13.46 34.25 -2.01
N GLU C 53 -14.75 33.92 -2.05
CA GLU C 53 -15.46 33.71 -3.31
C GLU C 53 -15.88 35.01 -3.99
N GLN C 54 -15.63 36.17 -3.37
CA GLN C 54 -15.90 37.42 -4.06
C GLN C 54 -14.73 37.88 -4.91
N GLU C 55 -13.61 37.17 -4.85
CA GLU C 55 -12.38 37.59 -5.51
C GLU C 55 -12.50 37.47 -7.03
N GLY C 56 -11.88 38.42 -7.73
CA GLY C 56 -11.95 38.45 -9.18
C GLY C 56 -11.03 37.43 -9.84
N SER C 57 -11.22 37.27 -11.15
CA SER C 57 -10.46 36.30 -11.92
C SER C 57 -8.98 36.64 -11.98
N GLU C 58 -8.61 37.90 -11.79
CA GLU C 58 -7.20 38.29 -11.86
C GLU C 58 -6.41 37.75 -10.68
N TYR C 59 -7.02 37.77 -9.49
CA TYR C 59 -6.38 37.16 -8.33
C TYR C 59 -6.17 35.67 -8.54
N TRP C 60 -7.22 34.96 -8.96
CA TRP C 60 -7.08 33.52 -9.12
C TRP C 60 -6.12 33.15 -10.23
N ASP C 61 -6.07 33.96 -11.31
CA ASP C 61 -5.13 33.70 -12.39
C ASP C 61 -3.68 33.86 -11.93
N ARG C 62 -3.39 34.90 -11.15
CA ARG C 62 -2.02 35.14 -10.69
C ARG C 62 -1.58 34.04 -9.74
N GLU C 63 -2.45 33.68 -8.80
CA GLU C 63 -2.13 32.64 -7.84
C GLU C 63 -1.91 31.30 -8.53
N THR C 64 -2.69 31.01 -9.56
CA THR C 64 -2.49 29.79 -10.32
C THR C 64 -1.11 29.76 -10.98
N ARG C 65 -0.68 30.90 -11.56
CA ARG C 65 0.64 30.98 -12.16
C ARG C 65 1.76 30.87 -11.10
N SER C 66 1.60 31.54 -9.95
CA SER C 66 2.59 31.42 -8.89
C SER C 66 2.68 29.97 -8.40
N ALA C 67 1.53 29.30 -8.26
CA ALA C 67 1.56 27.93 -7.79
C ALA C 67 2.19 27.01 -8.83
N ARG C 68 1.83 27.17 -10.11
CA ARG C 68 2.37 26.28 -11.12
C ARG C 68 3.89 26.40 -11.22
N ASP C 69 4.42 27.63 -11.23
CA ASP C 69 5.87 27.81 -11.26
C ASP C 69 6.54 27.10 -10.08
N THR C 70 6.00 27.32 -8.88
CA THR C 70 6.50 26.67 -7.66
C THR C 70 6.52 25.15 -7.84
N ALA C 71 5.47 24.57 -8.43
CA ALA C 71 5.45 23.12 -8.62
C ALA C 71 6.53 22.66 -9.60
N GLN C 72 6.76 23.42 -10.67
CA GLN C 72 7.82 23.06 -11.60
C GLN C 72 9.20 23.13 -10.94
N ILE C 73 9.44 24.16 -10.15
CA ILE C 73 10.71 24.30 -9.48
C ILE C 73 10.89 23.18 -8.44
N PHE C 74 9.83 22.86 -7.68
CA PHE C 74 9.93 21.78 -6.70
C PHE C 74 10.21 20.44 -7.36
N ARG C 75 9.66 20.21 -8.55
CA ARG C 75 9.93 18.95 -9.24
C ARG C 75 11.42 18.84 -9.60
N VAL C 76 12.00 19.94 -10.06
CA VAL C 76 13.42 19.99 -10.40
C VAL C 76 14.30 19.82 -9.16
N ASN C 77 13.89 20.44 -8.04
CA ASN C 77 14.69 20.37 -6.82
C ASN C 77 14.74 18.95 -6.26
N LEU C 78 13.63 18.21 -6.39
CA LEU C 78 13.63 16.81 -5.96
C LEU C 78 14.63 15.97 -6.76
N ARG C 79 14.76 16.25 -8.07
CA ARG C 79 15.78 15.58 -8.86
C ARG C 79 17.17 15.94 -8.35
N THR C 80 17.40 17.22 -8.10
CA THR C 80 18.73 17.67 -7.69
C THR C 80 19.07 17.15 -6.29
N LEU C 81 18.12 17.20 -5.34
CA LEU C 81 18.40 16.71 -4.00
C LEU C 81 18.66 15.21 -4.00
N ARG C 82 18.02 14.47 -4.91
CA ARG C 82 18.31 13.05 -5.04
C ARG C 82 19.77 12.84 -5.46
N GLY C 83 20.30 13.72 -6.30
CA GLY C 83 21.70 13.65 -6.68
C GLY C 83 22.64 14.03 -5.55
N TYR C 84 22.26 15.05 -4.76
CA TYR C 84 23.11 15.52 -3.68
C TYR C 84 23.39 14.41 -2.66
N TYR C 85 22.37 13.63 -2.32
CA TYR C 85 22.46 12.61 -1.29
C TYR C 85 22.75 11.22 -1.82
N ASN C 86 23.04 11.08 -3.12
CA ASN C 86 23.37 9.81 -3.76
C ASN C 86 22.29 8.76 -3.58
N GLN C 87 21.03 9.19 -3.67
CA GLN C 87 19.89 8.31 -3.46
C GLN C 87 19.50 7.63 -4.76
N SER C 88 18.95 6.43 -4.60
CA SER C 88 18.48 5.66 -5.73
C SER C 88 17.21 6.27 -6.34
N GLU C 89 16.94 5.85 -7.57
CA GLU C 89 15.75 6.23 -8.30
C GLU C 89 14.55 5.38 -7.91
N ALA C 90 14.71 4.47 -6.96
CA ALA C 90 13.64 3.55 -6.57
C ALA C 90 12.61 4.18 -5.65
N GLY C 91 13.00 5.13 -4.82
CA GLY C 91 12.13 5.64 -3.77
C GLY C 91 11.42 6.94 -4.07
N SER C 92 10.34 7.15 -3.31
CA SER C 92 9.56 8.38 -3.33
C SER C 92 10.02 9.31 -2.21
N HIS C 93 10.13 10.59 -2.52
CA HIS C 93 10.68 11.56 -1.58
C HIS C 93 9.75 12.77 -1.47
N THR C 94 9.94 13.53 -0.41
CA THR C 94 9.07 14.62 -0.03
C THR C 94 9.86 15.90 0.10
N LEU C 95 9.29 16.99 -0.39
CA LEU C 95 9.86 18.33 -0.23
C LEU C 95 8.75 19.21 0.32
N GLN C 96 9.00 19.83 1.48
CA GLN C 96 8.00 20.66 2.13
C GLN C 96 8.51 22.08 2.27
N TRP C 97 7.59 23.03 2.25
CA TRP C 97 7.93 24.44 2.37
C TRP C 97 6.89 25.10 3.24
N MET C 98 7.31 25.77 4.30
CA MET C 98 6.39 26.56 5.09
C MET C 98 6.99 27.94 5.25
N HIS C 99 6.13 28.95 5.10
CA HIS C 99 6.51 30.34 5.25
C HIS C 99 5.30 31.09 5.79
N GLY C 100 5.56 32.22 6.43
CA GLY C 100 4.45 33.02 6.95
C GLY C 100 4.95 34.28 7.63
N CYS C 101 4.00 35.19 7.86
CA CYS C 101 4.23 36.44 8.58
C CYS C 101 3.17 36.60 9.65
N GLU C 102 3.52 37.31 10.72
CA GLU C 102 2.61 37.52 11.83
C GLU C 102 2.61 38.99 12.26
N LEU C 103 1.43 39.49 12.63
CA LEU C 103 1.30 40.83 13.18
C LEU C 103 1.22 40.76 14.70
N GLY C 104 1.52 41.88 15.33
CA GLY C 104 1.32 42.04 16.75
C GLY C 104 -0.02 42.67 17.06
N PRO C 105 -0.31 42.85 18.35
CA PRO C 105 -1.58 43.52 18.72
C PRO C 105 -1.77 44.87 18.07
N ASP C 106 -0.69 45.62 17.83
CA ASP C 106 -0.79 46.95 17.24
C ASP C 106 -1.05 46.93 15.74
N GLY C 107 -1.07 45.75 15.12
CA GLY C 107 -1.33 45.60 13.71
C GLY C 107 -0.12 45.66 12.80
N ARG C 108 1.06 45.99 13.32
CA ARG C 108 2.26 46.15 12.50
C ARG C 108 3.06 44.85 12.41
N PHE C 109 4.03 44.84 11.49
CA PHE C 109 4.80 43.62 11.26
C PHE C 109 5.61 43.24 12.49
N LEU C 110 5.45 41.98 12.91
CA LEU C 110 6.14 41.44 14.07
C LEU C 110 7.23 40.44 13.70
N ARG C 111 6.95 39.51 12.81
CA ARG C 111 7.87 38.40 12.60
C ARG C 111 7.52 37.70 11.30
N GLY C 112 8.55 37.20 10.62
CA GLY C 112 8.35 36.34 9.47
C GLY C 112 9.30 35.16 9.52
N TYR C 113 8.93 34.10 8.82
CA TYR C 113 9.72 32.87 8.82
C TYR C 113 9.52 32.15 7.51
N GLU C 114 10.45 31.26 7.21
CA GLU C 114 10.43 30.47 6.00
C GLU C 114 11.34 29.26 6.17
N GLN C 115 10.84 28.06 5.87
CA GLN C 115 11.65 26.86 6.07
C GLN C 115 11.37 25.81 5.01
N PHE C 116 12.41 25.01 4.72
CA PHE C 116 12.34 23.90 3.78
C PHE C 116 12.76 22.61 4.48
N ALA C 117 12.13 21.51 4.09
CA ALA C 117 12.46 20.20 4.67
C ALA C 117 12.49 19.16 3.57
N TYR C 118 13.44 18.25 3.67
CA TYR C 118 13.56 17.15 2.74
C TYR C 118 13.39 15.85 3.50
N ASP C 119 12.35 15.10 3.15
CA ASP C 119 12.04 13.84 3.82
C ASP C 119 11.96 14.02 5.32
N GLY C 120 11.32 15.11 5.75
CA GLY C 120 10.92 15.31 7.13
C GLY C 120 11.98 15.86 8.08
N LYS C 121 13.12 16.31 7.56
CA LYS C 121 14.19 16.85 8.39
C LYS C 121 14.53 18.25 7.87
N ASP C 122 15.00 19.13 8.75
CA ASP C 122 15.34 20.48 8.31
C ASP C 122 16.39 20.43 7.20
N TYR C 123 16.03 20.97 6.03
CA TYR C 123 16.98 21.05 4.94
C TYR C 123 17.61 22.43 4.83
N LEU C 124 16.78 23.47 4.74
CA LEU C 124 17.30 24.81 4.55
C LEU C 124 16.38 25.76 5.32
N THR C 125 16.97 26.59 6.17
CA THR C 125 16.20 27.39 7.14
C THR C 125 16.59 28.86 7.04
N LEU C 126 15.59 29.72 6.88
CA LEU C 126 15.86 31.15 6.86
C LEU C 126 16.04 31.68 8.29
N ASN C 127 17.14 32.39 8.51
CA ASN C 127 17.48 32.81 9.86
C ASN C 127 16.60 33.97 10.33
N GLU C 128 16.43 34.06 11.65
CA GLU C 128 15.42 34.93 12.23
C GLU C 128 15.59 36.39 11.83
N ASP C 129 16.79 36.80 11.44
CA ASP C 129 17.00 38.14 10.93
C ASP C 129 16.58 38.29 9.48
N LEU C 130 16.18 37.19 8.83
CA LEU C 130 15.71 37.17 7.44
C LEU C 130 16.78 37.61 6.44
N ARG C 131 18.06 37.50 6.81
CA ARG C 131 19.12 38.04 5.98
C ARG C 131 20.09 36.99 5.44
N SER C 132 20.05 35.75 5.93
CA SER C 132 20.93 34.71 5.44
C SER C 132 20.25 33.36 5.66
N TRP C 133 20.62 32.39 4.83
CA TRP C 133 20.08 31.04 4.92
C TRP C 133 21.06 30.13 5.65
N THR C 134 20.53 29.10 6.32
CA THR C 134 21.32 28.15 7.07
C THR C 134 20.97 26.73 6.68
N ALA C 135 22.00 25.90 6.47
CA ALA C 135 21.82 24.49 6.14
C ALA C 135 22.49 23.63 7.20
N VAL C 136 21.86 22.52 7.55
CA VAL C 136 22.41 21.62 8.56
C VAL C 136 23.29 20.55 7.93
N ASP C 137 22.79 19.82 6.94
CA ASP C 137 23.61 18.79 6.31
C ASP C 137 24.70 19.44 5.45
N THR C 138 25.79 18.70 5.22
CA THR C 138 26.84 19.26 4.36
C THR C 138 26.34 19.40 2.92
N ALA C 139 25.65 18.39 2.40
CA ALA C 139 25.09 18.49 1.05
C ALA C 139 24.08 19.64 0.95
N ALA C 140 23.29 19.84 2.00
CA ALA C 140 22.33 20.95 1.99
C ALA C 140 23.04 22.29 1.77
N GLN C 141 24.33 22.38 2.14
CA GLN C 141 25.10 23.61 1.95
C GLN C 141 25.35 23.93 0.49
N ILE C 142 25.24 22.95 -0.41
CA ILE C 142 25.30 23.24 -1.83
C ILE C 142 24.18 24.18 -2.23
N SER C 143 22.97 23.91 -1.73
CA SER C 143 21.84 24.81 -1.97
C SER C 143 22.02 26.13 -1.24
N GLU C 144 22.59 26.10 -0.03
CA GLU C 144 22.76 27.34 0.72
C GLU C 144 23.66 28.32 -0.03
N GLN C 145 24.70 27.83 -0.68
CA GLN C 145 25.59 28.72 -1.43
C GLN C 145 24.90 29.26 -2.68
N LYS C 146 24.13 28.42 -3.38
CA LYS C 146 23.31 28.89 -4.50
C LYS C 146 22.39 30.02 -4.07
N SER C 147 21.70 29.87 -2.93
CA SER C 147 20.78 30.91 -2.50
C SER C 147 21.50 32.14 -1.94
N ASN C 148 22.65 31.96 -1.27
CA ASN C 148 23.41 33.11 -0.80
C ASN C 148 24.00 33.90 -1.96
N ASP C 149 24.45 33.21 -3.00
CA ASP C 149 24.98 33.89 -4.19
C ASP C 149 23.89 34.66 -4.90
N ALA C 150 22.68 34.10 -4.99
CA ALA C 150 21.58 34.74 -5.71
C ALA C 150 20.88 35.81 -4.88
N SER C 151 21.32 36.04 -3.63
CA SER C 151 20.66 36.98 -2.72
C SER C 151 19.19 36.63 -2.52
N GLU C 152 18.93 35.34 -2.29
CA GLU C 152 17.56 34.87 -2.11
C GLU C 152 16.95 35.42 -0.83
N ALA C 153 17.77 35.57 0.23
CA ALA C 153 17.28 36.11 1.48
C ALA C 153 16.69 37.51 1.33
N GLU C 154 17.21 38.28 0.37
CA GLU C 154 16.69 39.62 0.13
C GLU C 154 15.34 39.58 -0.59
N HIS C 155 15.16 38.61 -1.50
CA HIS C 155 13.87 38.48 -2.18
C HIS C 155 12.78 38.03 -1.23
N GLN C 156 13.11 37.06 -0.36
CA GLN C 156 12.12 36.52 0.57
C GLN C 156 11.77 37.51 1.67
N ARG C 157 12.77 38.25 2.16
CA ARG C 157 12.48 39.25 3.19
C ARG C 157 11.50 40.31 2.68
N ALA C 158 11.61 40.67 1.40
CA ALA C 158 10.68 41.65 0.84
C ALA C 158 9.26 41.10 0.82
N TYR C 159 9.11 39.82 0.47
CA TYR C 159 7.79 39.22 0.49
C TYR C 159 7.21 39.21 1.90
N LEU C 160 8.00 38.75 2.88
CA LEU C 160 7.48 38.59 4.22
C LEU C 160 7.16 39.93 4.86
N GLU C 161 8.06 40.91 4.74
CA GLU C 161 7.88 42.14 5.50
C GLU C 161 6.85 43.08 4.90
N ASP C 162 6.72 43.10 3.58
CA ASP C 162 5.81 44.02 2.91
C ASP C 162 4.63 43.29 2.26
N THR C 163 4.91 42.36 1.35
CA THR C 163 3.82 41.73 0.58
C THR C 163 2.91 40.91 1.48
N CYS C 164 3.46 40.06 2.34
CA CYS C 164 2.63 39.21 3.20
C CYS C 164 1.79 40.04 4.15
N VAL C 165 2.37 41.11 4.71
CA VAL C 165 1.65 42.00 5.62
C VAL C 165 0.51 42.69 4.90
N GLU C 166 0.75 43.16 3.67
CA GLU C 166 -0.28 43.91 2.96
C GLU C 166 -1.46 43.02 2.59
N TRP C 167 -1.19 41.77 2.24
CA TRP C 167 -2.28 40.90 1.87
C TRP C 167 -2.98 40.30 3.07
N LEU C 168 -2.29 40.19 4.21
CA LEU C 168 -2.97 39.79 5.44
C LEU C 168 -4.01 40.83 5.86
N HIS C 169 -3.65 42.12 5.78
CA HIS C 169 -4.62 43.16 6.11
C HIS C 169 -5.85 43.08 5.21
N LYS C 170 -5.65 42.79 3.92
CA LYS C 170 -6.79 42.67 3.01
C LYS C 170 -7.69 41.49 3.41
N TYR C 171 -7.10 40.36 3.80
CA TYR C 171 -7.93 39.21 4.16
C TYR C 171 -8.69 39.46 5.46
N LEU C 172 -8.04 40.07 6.45
CA LEU C 172 -8.73 40.38 7.70
C LEU C 172 -9.92 41.31 7.43
N GLU C 173 -9.82 42.16 6.42
CA GLU C 173 -10.94 43.01 6.07
C GLU C 173 -12.04 42.21 5.38
N LYS C 174 -11.67 41.32 4.44
CA LYS C 174 -12.66 40.55 3.71
C LYS C 174 -13.39 39.56 4.61
N GLY C 175 -12.74 39.08 5.67
CA GLY C 175 -13.34 38.03 6.48
C GLY C 175 -13.61 38.45 7.90
N LYS C 176 -13.85 39.74 8.11
CA LYS C 176 -14.02 40.28 9.45
C LYS C 176 -15.23 39.68 10.17
N GLU C 177 -16.26 39.29 9.42
CA GLU C 177 -17.43 38.66 10.03
C GLU C 177 -17.08 37.36 10.74
N THR C 178 -16.04 36.65 10.26
CA THR C 178 -15.72 35.37 10.86
C THR C 178 -14.28 35.23 11.37
N LEU C 179 -13.33 36.01 10.87
CA LEU C 179 -11.94 35.86 11.29
C LEU C 179 -11.65 36.55 12.61
N LEU C 180 -12.35 37.63 12.90
CA LEU C 180 -12.12 38.43 14.10
C LEU C 180 -13.07 38.07 15.22
N HIS C 181 -13.90 37.05 15.04
CA HIS C 181 -14.84 36.66 16.09
C HIS C 181 -14.16 35.63 17.00
N LEU C 182 -14.04 35.97 18.28
CA LEU C 182 -13.48 35.06 19.26
C LEU C 182 -14.61 34.20 19.83
N GLU C 183 -14.39 32.89 19.84
CA GLU C 183 -15.33 31.93 20.41
C GLU C 183 -14.77 31.38 21.71
N PRO C 184 -15.33 31.72 22.87
CA PRO C 184 -14.80 31.16 24.12
C PRO C 184 -15.20 29.70 24.25
N PRO C 185 -14.43 28.90 24.99
CA PRO C 185 -14.74 27.48 25.08
C PRO C 185 -15.94 27.20 25.97
N LYS C 186 -16.68 26.15 25.60
CA LYS C 186 -17.74 25.59 26.44
C LYS C 186 -17.10 24.52 27.32
N THR C 187 -17.18 24.70 28.64
CA THR C 187 -16.44 23.84 29.57
C THR C 187 -17.35 23.17 30.59
N HIS C 188 -17.10 21.88 30.82
CA HIS C 188 -17.76 21.08 31.84
C HIS C 188 -16.84 19.94 32.25
N VAL C 189 -17.07 19.38 33.44
CA VAL C 189 -16.26 18.31 33.99
C VAL C 189 -17.10 17.05 34.11
N THR C 190 -16.56 15.92 33.67
CA THR C 190 -17.22 14.63 33.74
C THR C 190 -16.49 13.72 34.73
N HIS C 191 -17.20 12.70 35.18
CA HIS C 191 -16.72 11.81 36.25
C HIS C 191 -16.99 10.37 35.84
N HIS C 192 -15.96 9.54 35.86
CA HIS C 192 -16.06 8.15 35.43
C HIS C 192 -15.37 7.27 36.45
N PRO C 193 -16.10 6.53 37.29
CA PRO C 193 -15.43 5.70 38.31
C PRO C 193 -14.68 4.54 37.69
N ILE C 194 -13.37 4.48 37.95
CA ILE C 194 -12.55 3.35 37.53
C ILE C 194 -12.74 2.17 38.46
N SER C 195 -12.74 2.41 39.77
CA SER C 195 -12.89 1.37 40.78
C SER C 195 -13.50 2.00 42.02
N ASP C 196 -13.49 1.27 43.13
CA ASP C 196 -13.93 1.81 44.41
C ASP C 196 -12.92 2.78 45.01
N HIS C 197 -11.63 2.65 44.64
CA HIS C 197 -10.60 3.52 45.16
C HIS C 197 -10.45 4.80 44.35
N GLU C 198 -10.56 4.71 43.04
CA GLU C 198 -10.24 5.87 42.20
C GLU C 198 -11.31 6.07 41.13
N ALA C 199 -11.39 7.31 40.67
CA ALA C 199 -12.20 7.72 39.53
C ALA C 199 -11.39 8.69 38.70
N THR C 200 -11.79 8.86 37.45
CA THR C 200 -11.14 9.82 36.55
C THR C 200 -12.02 11.05 36.42
N LEU C 201 -11.42 12.22 36.56
CA LEU C 201 -12.08 13.49 36.32
C LEU C 201 -11.56 14.03 35.00
N ARG C 202 -12.46 14.35 34.07
CA ARG C 202 -12.08 14.84 32.75
C ARG C 202 -12.68 16.21 32.51
N CYS C 203 -11.80 17.17 32.18
CA CYS C 203 -12.17 18.56 31.98
C CYS C 203 -12.28 18.86 30.49
N TRP C 204 -13.49 19.17 30.03
CA TRP C 204 -13.76 19.33 28.60
C TRP C 204 -13.73 20.80 28.18
N ALA C 205 -13.18 21.06 27.01
CA ALA C 205 -13.24 22.38 26.38
C ALA C 205 -13.67 22.18 24.94
N LEU C 206 -14.81 22.75 24.57
CA LEU C 206 -15.49 22.46 23.31
C LEU C 206 -15.90 23.73 22.56
N GLY C 207 -15.85 23.64 21.24
CA GLY C 207 -16.37 24.69 20.37
C GLY C 207 -15.69 26.03 20.49
N PHE C 208 -14.38 26.07 20.67
CA PHE C 208 -13.66 27.33 20.81
C PHE C 208 -12.85 27.66 19.57
N TYR C 209 -12.57 28.96 19.40
CA TYR C 209 -11.72 29.44 18.34
C TYR C 209 -11.09 30.73 18.86
N PRO C 210 -9.77 30.96 18.66
CA PRO C 210 -8.80 30.09 17.95
C PRO C 210 -8.39 28.85 18.74
N ALA C 211 -7.47 28.07 18.17
CA ALA C 211 -7.12 26.76 18.73
C ALA C 211 -6.29 26.85 20.00
N GLU C 212 -5.53 27.93 20.18
CA GLU C 212 -4.65 28.04 21.34
C GLU C 212 -5.45 28.06 22.64
N ILE C 213 -5.09 27.19 23.58
CA ILE C 213 -5.79 27.07 24.85
C ILE C 213 -4.86 26.40 25.86
N THR C 214 -5.20 26.48 27.15
CA THR C 214 -4.42 25.83 28.21
C THR C 214 -5.37 25.25 29.25
N LEU C 215 -5.22 23.95 29.52
CA LEU C 215 -5.99 23.27 30.55
C LEU C 215 -5.05 22.68 31.59
N THR C 216 -5.32 22.95 32.86
CA THR C 216 -4.52 22.48 33.98
C THR C 216 -5.43 22.00 35.10
N TRP C 217 -5.01 20.90 35.73
CA TRP C 217 -5.63 20.37 36.94
C TRP C 217 -4.79 20.76 38.14
N GLN C 218 -5.47 21.05 39.26
CA GLN C 218 -4.72 21.46 40.44
C GLN C 218 -5.30 20.84 41.70
N GLN C 219 -4.43 20.45 42.64
CA GLN C 219 -4.86 19.86 43.91
C GLN C 219 -4.72 20.84 45.04
N ASP C 220 -5.81 21.06 45.79
CA ASP C 220 -5.81 21.83 47.03
C ASP C 220 -4.95 23.09 46.98
N GLY C 221 -4.88 23.74 45.81
CA GLY C 221 -4.09 24.96 45.66
C GLY C 221 -3.07 24.95 44.53
N HIS C 224 0.06 23.06 42.70
CA HIS C 224 0.97 22.89 41.57
C HIS C 224 0.36 21.89 40.61
N THR C 225 1.09 21.57 39.54
CA THR C 225 0.58 20.70 38.46
C THR C 225 0.42 19.24 38.89
N GLN C 226 -0.46 18.50 38.20
CA GLN C 226 -0.74 17.13 38.59
C GLN C 226 -0.24 16.15 37.52
N ASP C 227 -0.62 14.90 37.68
CA ASP C 227 -0.31 13.84 36.73
C ASP C 227 -1.48 13.82 35.76
N THR C 228 -1.47 14.79 34.85
CA THR C 228 -2.57 15.08 33.93
C THR C 228 -2.35 14.51 32.54
N GLU C 229 -3.38 13.86 32.00
CA GLU C 229 -3.36 13.31 30.66
C GLU C 229 -4.07 14.27 29.73
N LEU C 230 -3.31 14.92 28.85
CA LEU C 230 -3.86 15.80 27.84
C LEU C 230 -3.90 15.09 26.50
N VAL C 231 -4.85 15.51 25.67
CA VAL C 231 -4.89 15.13 24.27
C VAL C 231 -4.66 16.39 23.46
N GLU C 232 -4.03 16.24 22.31
CA GLU C 232 -3.76 17.40 21.48
C GLU C 232 -5.07 17.97 20.94
N THR C 233 -5.08 19.30 20.81
CA THR C 233 -6.25 19.98 20.28
C THR C 233 -6.64 19.41 18.93
N ARG C 234 -7.93 19.21 18.72
CA ARG C 234 -8.45 18.56 17.52
C ARG C 234 -9.53 19.42 16.88
N PRO C 235 -9.69 19.34 15.55
CA PRO C 235 -10.74 20.12 14.89
C PRO C 235 -12.12 19.51 15.10
N ALA C 236 -13.11 20.37 15.38
CA ALA C 236 -14.47 19.87 15.48
C ALA C 236 -15.02 19.50 14.12
N GLY C 237 -14.56 20.16 13.06
CA GLY C 237 -15.06 19.99 11.72
C GLY C 237 -15.85 21.18 11.21
N ASP C 238 -16.14 22.15 12.08
CA ASP C 238 -16.89 23.36 11.74
C ASP C 238 -16.05 24.62 11.90
N GLY C 239 -14.72 24.50 12.09
CA GLY C 239 -13.88 25.64 12.34
C GLY C 239 -13.54 25.88 13.80
N THR C 240 -14.24 25.23 14.75
CA THR C 240 -13.91 25.29 16.17
C THR C 240 -13.10 24.05 16.57
N PHE C 241 -12.54 24.07 17.78
CA PHE C 241 -11.60 23.05 18.23
C PHE C 241 -12.03 22.44 19.57
N GLN C 242 -11.41 21.31 19.92
CA GLN C 242 -11.75 20.60 21.16
C GLN C 242 -10.47 20.18 21.87
N LYS C 243 -10.57 19.96 23.17
CA LYS C 243 -9.46 19.48 24.01
C LYS C 243 -10.00 19.07 25.38
N TRP C 244 -9.29 18.14 26.04
CA TRP C 244 -9.66 17.77 27.40
C TRP C 244 -8.42 17.34 28.19
N ALA C 245 -8.57 17.39 29.53
CA ALA C 245 -7.50 17.05 30.48
C ALA C 245 -8.05 16.19 31.62
N ALA C 246 -7.41 15.06 31.89
CA ALA C 246 -7.93 14.11 32.86
C ALA C 246 -6.92 13.81 33.96
N VAL C 247 -7.44 13.45 35.13
CA VAL C 247 -6.63 13.10 36.30
C VAL C 247 -7.34 11.99 37.04
N VAL C 248 -6.60 11.04 37.56
CA VAL C 248 -7.20 9.95 38.33
C VAL C 248 -7.23 10.37 39.79
N VAL C 249 -8.41 10.32 40.39
CA VAL C 249 -8.64 10.95 41.67
C VAL C 249 -9.21 9.91 42.64
N PRO C 250 -8.82 9.93 43.91
CA PRO C 250 -9.42 8.99 44.87
C PRO C 250 -10.90 9.27 45.08
N SER C 251 -11.69 8.20 45.10
CA SER C 251 -13.13 8.32 45.27
C SER C 251 -13.46 8.94 46.62
N GLY C 252 -14.28 9.98 46.60
CA GLY C 252 -14.59 10.74 47.79
C GLY C 252 -13.86 12.06 47.90
N GLU C 253 -12.74 12.22 47.21
CA GLU C 253 -11.97 13.46 47.26
C GLU C 253 -12.07 14.26 45.96
N GLU C 254 -13.15 14.06 45.20
CA GLU C 254 -13.28 14.71 43.90
C GLU C 254 -13.25 16.22 44.00
N GLN C 255 -13.79 16.76 45.10
CA GLN C 255 -13.95 18.20 45.27
C GLN C 255 -12.62 18.94 45.49
N ARG C 256 -11.55 18.22 45.81
CA ARG C 256 -10.26 18.87 46.04
C ARG C 256 -9.62 19.43 44.77
N TYR C 257 -9.99 18.92 43.59
CA TYR C 257 -9.31 19.26 42.35
C TYR C 257 -10.10 20.29 41.55
N THR C 258 -9.42 21.32 41.06
CA THR C 258 -10.02 22.31 40.18
C THR C 258 -9.29 22.30 38.85
N CYS C 259 -10.03 22.63 37.80
CA CYS C 259 -9.52 22.72 36.43
C CYS C 259 -9.46 24.19 36.00
N HIS C 260 -8.33 24.61 35.46
CA HIS C 260 -8.13 25.98 35.01
C HIS C 260 -8.05 26.04 33.49
N VAL C 261 -8.86 26.91 32.89
CA VAL C 261 -8.96 27.03 31.43
C VAL C 261 -8.59 28.45 31.03
N GLN C 262 -7.62 28.59 30.13
CA GLN C 262 -7.14 29.88 29.65
C GLN C 262 -7.36 29.95 28.15
N HIS C 263 -8.06 30.99 27.70
CA HIS C 263 -8.36 31.17 26.29
C HIS C 263 -8.59 32.65 25.97
N GLU C 264 -8.11 33.07 24.79
CA GLU C 264 -8.19 34.48 24.42
C GLU C 264 -9.64 34.98 24.33
N GLY C 265 -10.58 34.09 24.01
CA GLY C 265 -11.99 34.45 23.96
C GLY C 265 -12.65 34.59 25.31
N LEU C 266 -11.97 34.16 26.40
CA LEU C 266 -12.54 34.29 27.73
C LEU C 266 -12.20 35.66 28.30
N PRO C 267 -13.20 36.40 28.79
CA PRO C 267 -12.89 37.68 29.45
C PRO C 267 -11.94 37.53 30.63
N GLU C 268 -12.03 36.42 31.35
CA GLU C 268 -11.16 36.11 32.47
C GLU C 268 -10.94 34.61 32.50
N PRO C 269 -9.84 34.15 33.10
CA PRO C 269 -9.64 32.70 33.25
C PRO C 269 -10.80 32.06 34.00
N VAL C 270 -11.06 30.79 33.68
CA VAL C 270 -12.23 30.06 34.17
C VAL C 270 -11.78 28.89 35.03
N THR C 271 -12.53 28.62 36.12
CA THR C 271 -12.29 27.49 37.02
C THR C 271 -13.50 26.58 37.05
N LEU C 272 -13.26 25.26 36.99
CA LEU C 272 -14.34 24.29 36.97
C LEU C 272 -14.10 23.21 38.02
N ARG C 273 -15.21 22.70 38.55
CA ARG C 273 -15.20 21.56 39.46
C ARG C 273 -16.43 20.72 39.20
N TRP C 274 -16.31 19.42 39.45
CA TRP C 274 -17.45 18.51 39.25
C TRP C 274 -18.56 18.75 40.28
N MET D 1 15.69 7.64 5.78
CA MET D 1 14.55 8.56 5.81
C MET D 1 13.80 8.46 7.14
N ILE D 2 13.33 9.58 7.67
CA ILE D 2 12.57 9.54 8.90
C ILE D 2 11.16 9.03 8.60
N GLN D 3 10.66 8.16 9.46
CA GLN D 3 9.29 7.68 9.39
C GLN D 3 8.62 7.84 10.75
N ARG D 4 7.47 8.50 10.77
CA ARG D 4 6.72 8.73 11.99
C ARG D 4 5.36 8.06 11.89
N THR D 5 4.96 7.37 12.98
CA THR D 5 3.67 6.68 13.00
C THR D 5 2.55 7.64 13.41
N PRO D 6 1.31 7.45 12.94
CA PRO D 6 0.28 8.46 13.20
C PRO D 6 -0.42 8.33 14.56
N LYS D 7 -0.77 9.49 15.12
CA LYS D 7 -1.70 9.57 16.25
C LYS D 7 -3.13 9.60 15.71
N ILE D 8 -4.02 8.90 16.41
CA ILE D 8 -5.40 8.73 16.00
C ILE D 8 -6.31 9.22 17.13
N GLN D 9 -7.33 10.00 16.77
CA GLN D 9 -8.41 10.32 17.70
C GLN D 9 -9.74 10.15 16.98
N VAL D 10 -10.69 9.49 17.64
CA VAL D 10 -12.04 9.33 17.12
C VAL D 10 -13.02 10.00 18.09
N TYR D 11 -13.87 10.86 17.57
CA TYR D 11 -14.73 11.69 18.41
C TYR D 11 -15.86 12.25 17.54
N SER D 12 -16.86 12.82 18.20
CA SER D 12 -17.99 13.45 17.53
C SER D 12 -17.89 14.96 17.60
N ARG D 13 -18.54 15.66 16.65
CA ARG D 13 -18.45 17.11 16.61
C ARG D 13 -19.21 17.76 17.76
N HIS D 14 -20.29 17.12 18.22
CA HIS D 14 -21.07 17.55 19.36
C HIS D 14 -21.13 16.43 20.40
N PRO D 15 -21.54 16.73 21.63
CA PRO D 15 -21.69 15.66 22.63
C PRO D 15 -22.72 14.62 22.19
N ALA D 16 -22.34 13.35 22.30
CA ALA D 16 -23.17 12.26 21.81
C ALA D 16 -24.49 12.19 22.58
N GLU D 17 -25.57 11.99 21.83
CA GLU D 17 -26.90 11.82 22.37
C GLU D 17 -27.62 10.83 21.47
N ASN D 18 -28.04 9.70 22.03
CA ASN D 18 -28.70 8.66 21.26
C ASN D 18 -29.94 9.22 20.55
N GLY D 19 -30.00 9.02 19.25
CA GLY D 19 -31.11 9.49 18.45
C GLY D 19 -30.91 10.85 17.80
N LYS D 20 -29.85 11.56 18.14
CA LYS D 20 -29.64 12.89 17.58
C LYS D 20 -28.54 12.87 16.53
N SER D 21 -28.75 13.67 15.48
CA SER D 21 -27.79 13.78 14.39
C SER D 21 -26.49 14.40 14.87
N ASN D 22 -25.39 13.94 14.30
CA ASN D 22 -24.05 14.35 14.73
C ASN D 22 -23.08 14.18 13.57
N PHE D 23 -21.77 14.32 13.86
CA PHE D 23 -20.69 14.13 12.90
C PHE D 23 -19.60 13.26 13.51
N LEU D 24 -19.27 12.17 12.81
CA LEU D 24 -18.18 11.28 13.22
C LEU D 24 -16.85 11.78 12.67
N ASN D 25 -15.82 11.80 13.53
CA ASN D 25 -14.53 12.43 13.23
C ASN D 25 -13.38 11.47 13.51
N CYS D 26 -12.46 11.35 12.56
CA CYS D 26 -11.20 10.64 12.75
C CYS D 26 -10.06 11.59 12.40
N TYR D 27 -9.23 11.93 13.40
CA TYR D 27 -8.17 12.92 13.24
C TYR D 27 -6.80 12.23 13.34
N VAL D 28 -6.12 12.08 12.21
CA VAL D 28 -4.79 11.49 12.14
C VAL D 28 -3.77 12.62 12.05
N SER D 29 -2.70 12.52 12.84
CA SER D 29 -1.67 13.56 12.84
C SER D 29 -0.35 12.92 13.22
N GLY D 30 0.72 13.70 13.06
CA GLY D 30 2.04 13.26 13.46
C GLY D 30 2.68 12.17 12.63
N PHE D 31 2.24 11.98 11.38
CA PHE D 31 2.79 10.92 10.56
C PHE D 31 3.70 11.48 9.45
N HIS D 32 4.55 10.59 8.91
CA HIS D 32 5.46 10.91 7.82
C HIS D 32 6.02 9.61 7.23
N PRO D 33 5.93 9.40 5.90
CA PRO D 33 5.48 10.31 4.82
C PRO D 33 3.95 10.50 4.73
N SER D 34 3.46 11.27 3.75
CA SER D 34 2.08 11.72 3.75
C SER D 34 1.10 10.63 3.34
N ASP D 35 1.53 9.66 2.53
CA ASP D 35 0.64 8.59 2.10
C ASP D 35 0.06 7.85 3.31
N ILE D 36 -1.27 7.82 3.38
CA ILE D 36 -1.99 7.21 4.50
C ILE D 36 -3.31 6.67 3.96
N GLU D 37 -3.90 5.74 4.70
CA GLU D 37 -5.15 5.08 4.32
C GLU D 37 -6.09 5.10 5.52
N VAL D 38 -7.23 5.77 5.38
CA VAL D 38 -8.16 5.97 6.50
C VAL D 38 -9.57 5.62 6.04
N ASP D 39 -10.26 4.79 6.83
CA ASP D 39 -11.66 4.44 6.58
C ASP D 39 -12.45 4.52 7.88
N LEU D 40 -13.67 5.06 7.80
CA LEU D 40 -14.58 5.01 8.94
C LEU D 40 -15.45 3.77 8.85
N LEU D 41 -15.71 3.16 10.01
CA LEU D 41 -16.40 1.88 10.10
C LEU D 41 -17.67 2.01 10.93
N LYS D 42 -18.70 1.26 10.53
CA LYS D 42 -19.95 1.12 11.27
C LYS D 42 -20.22 -0.38 11.41
N ASN D 43 -20.13 -0.88 12.63
CA ASN D 43 -20.20 -2.31 12.91
C ASN D 43 -19.30 -3.10 11.98
N GLY D 44 -18.10 -2.58 11.74
CA GLY D 44 -17.11 -3.26 10.94
C GLY D 44 -17.12 -2.93 9.46
N GLU D 45 -18.24 -2.44 8.93
CA GLU D 45 -18.36 -2.16 7.49
C GLU D 45 -17.93 -0.72 7.18
N ARG D 46 -17.30 -0.56 6.03
CA ARG D 46 -16.75 0.74 5.66
C ARG D 46 -17.87 1.71 5.29
N ILE D 47 -17.84 2.90 5.88
CA ILE D 47 -18.81 3.95 5.57
C ILE D 47 -18.43 4.61 4.25
N GLU D 48 -19.39 4.70 3.34
CA GLU D 48 -19.19 5.29 2.04
C GLU D 48 -19.26 6.82 2.11
N LYS D 49 -18.64 7.46 1.13
CA LYS D 49 -18.70 8.92 0.96
C LYS D 49 -18.24 9.64 2.23
N VAL D 50 -17.00 9.34 2.60
CA VAL D 50 -16.31 10.04 3.68
C VAL D 50 -15.41 11.08 3.06
N GLU D 51 -15.47 12.29 3.58
CA GLU D 51 -14.67 13.41 3.13
C GLU D 51 -13.47 13.61 4.03
N HIS D 52 -12.45 14.31 3.52
CA HIS D 52 -11.30 14.64 4.33
C HIS D 52 -10.82 16.04 3.99
N SER D 53 -10.15 16.66 4.96
CA SER D 53 -9.59 17.99 4.79
C SER D 53 -8.40 17.95 3.80
N ASP D 54 -7.92 19.14 3.42
CA ASP D 54 -6.77 19.25 2.51
C ASP D 54 -5.47 19.05 3.29
N LEU D 55 -4.52 18.32 2.69
CA LEU D 55 -3.28 17.95 3.38
C LEU D 55 -2.50 19.16 3.84
N SER D 56 -2.00 19.11 5.08
CA SER D 56 -1.22 20.18 5.67
C SER D 56 -0.29 19.55 6.71
N PHE D 57 0.57 20.37 7.32
CA PHE D 57 1.50 19.82 8.30
C PHE D 57 1.80 20.82 9.42
N SER D 58 2.33 20.28 10.52
CA SER D 58 2.71 21.04 11.71
C SER D 58 4.14 21.56 11.56
N LYS D 59 4.53 22.46 12.47
CA LYS D 59 5.87 23.06 12.38
C LYS D 59 6.98 22.02 12.47
N ASP D 60 6.73 20.83 13.01
CA ASP D 60 7.72 19.76 13.00
C ASP D 60 7.70 18.94 11.71
N TRP D 61 6.94 19.38 10.70
CA TRP D 61 6.83 18.82 9.34
C TRP D 61 5.86 17.64 9.20
N SER D 62 5.36 17.06 10.30
CA SER D 62 4.48 15.91 10.20
C SER D 62 3.06 16.33 9.83
N PHE D 63 2.44 15.55 8.94
CA PHE D 63 1.15 15.89 8.34
C PHE D 63 -0.02 15.59 9.27
N TYR D 64 -1.14 16.24 9.01
CA TYR D 64 -2.38 15.92 9.73
C TYR D 64 -3.56 16.00 8.76
N LEU D 65 -4.58 15.18 9.02
CA LEU D 65 -5.80 15.17 8.22
C LEU D 65 -7.00 14.91 9.11
N LEU D 66 -8.15 15.45 8.71
CA LEU D 66 -9.41 15.15 9.36
C LEU D 66 -10.31 14.43 8.36
N TYR D 67 -10.82 13.27 8.76
CA TYR D 67 -11.84 12.55 8.02
C TYR D 67 -13.15 12.63 8.80
N TYR D 68 -14.27 12.73 8.08
CA TYR D 68 -15.55 13.00 8.74
C TYR D 68 -16.73 12.57 7.88
N THR D 69 -17.85 12.32 8.55
CA THR D 69 -19.10 11.93 7.91
C THR D 69 -20.23 12.23 8.89
N GLU D 70 -21.44 12.27 8.37
CA GLU D 70 -22.59 12.40 9.25
C GLU D 70 -23.02 11.04 9.77
N PHE D 71 -23.52 11.02 11.01
CA PHE D 71 -24.01 9.77 11.57
C PHE D 71 -24.99 10.08 12.69
N THR D 72 -25.59 9.03 13.23
CA THR D 72 -26.55 9.13 14.35
C THR D 72 -26.17 8.09 15.39
N PRO D 73 -25.51 8.49 16.47
CA PRO D 73 -25.06 7.50 17.47
C PRO D 73 -26.22 6.76 18.12
N THR D 74 -26.02 5.46 18.32
CA THR D 74 -27.02 4.59 18.94
C THR D 74 -26.36 3.89 20.13
N GLU D 75 -27.20 3.42 21.05
CA GLU D 75 -26.70 2.66 22.19
C GLU D 75 -25.91 1.43 21.75
N LYS D 76 -26.36 0.74 20.70
CA LYS D 76 -25.74 -0.53 20.32
C LYS D 76 -24.80 -0.45 19.12
N ASP D 77 -24.92 0.58 18.28
CA ASP D 77 -24.06 0.69 17.12
C ASP D 77 -22.65 1.11 17.52
N GLU D 78 -21.66 0.41 16.96
CA GLU D 78 -20.25 0.66 17.26
C GLU D 78 -19.56 1.20 16.01
N TYR D 79 -18.82 2.30 16.18
CA TYR D 79 -18.10 2.96 15.10
C TYR D 79 -16.59 2.91 15.42
N ALA D 80 -15.78 2.95 14.37
CA ALA D 80 -14.33 2.88 14.53
C ALA D 80 -13.64 3.57 13.36
N CYS D 81 -12.32 3.71 13.48
CA CYS D 81 -11.47 4.25 12.44
C CYS D 81 -10.36 3.26 12.14
N ARG D 82 -10.07 3.07 10.86
CA ARG D 82 -9.02 2.15 10.43
C ARG D 82 -7.95 2.93 9.69
N VAL D 83 -6.72 2.89 10.19
CA VAL D 83 -5.60 3.63 9.62
C VAL D 83 -4.49 2.65 9.25
N ASN D 84 -3.91 2.84 8.06
CA ASN D 84 -2.76 2.06 7.66
C ASN D 84 -1.68 2.99 7.09
N HIS D 85 -0.43 2.68 7.44
CA HIS D 85 0.73 3.52 7.18
C HIS D 85 1.94 2.60 7.09
N VAL D 86 2.98 3.06 6.38
CA VAL D 86 4.20 2.26 6.24
C VAL D 86 4.81 1.96 7.60
N THR D 87 4.61 2.82 8.59
CA THR D 87 5.19 2.56 9.91
C THR D 87 4.47 1.44 10.65
N LEU D 88 3.30 1.00 10.20
CA LEU D 88 2.48 0.05 10.93
C LEU D 88 2.74 -1.36 10.42
N SER D 89 2.92 -2.29 11.36
CA SER D 89 3.07 -3.69 10.94
C SER D 89 1.77 -4.23 10.37
N GLN D 90 0.64 -3.70 10.80
CA GLN D 90 -0.67 -4.11 10.30
C GLN D 90 -1.68 -3.01 10.60
N PRO D 91 -2.70 -2.85 9.75
CA PRO D 91 -3.65 -1.72 9.93
C PRO D 91 -4.21 -1.67 11.34
N LYS D 92 -4.39 -0.44 11.83
CA LYS D 92 -4.80 -0.21 13.20
C LYS D 92 -6.25 0.25 13.27
N ILE D 93 -7.00 -0.33 14.21
CA ILE D 93 -8.40 0.03 14.44
C ILE D 93 -8.51 0.68 15.81
N VAL D 94 -9.11 1.86 15.84
CA VAL D 94 -9.39 2.57 17.07
C VAL D 94 -10.90 2.74 17.19
N LYS D 95 -11.46 2.22 18.28
CA LYS D 95 -12.91 2.24 18.49
C LYS D 95 -13.36 3.58 19.10
N TRP D 96 -14.54 4.01 18.69
CA TRP D 96 -15.09 5.29 19.15
C TRP D 96 -15.65 5.15 20.56
N ASP D 97 -15.10 5.92 21.50
CA ASP D 97 -15.59 5.98 22.88
C ASP D 97 -16.18 7.37 23.10
N ARG D 98 -17.49 7.44 23.31
CA ARG D 98 -18.17 8.73 23.33
C ARG D 98 -17.70 9.66 24.45
N ASP D 99 -17.05 9.13 25.48
CA ASP D 99 -16.57 9.95 26.59
C ASP D 99 -15.13 10.41 26.41
N MET D 100 -14.55 10.23 25.22
CA MET D 100 -13.19 10.69 24.96
C MET D 100 -13.11 11.41 23.61
N ARG E 1 -13.67 -31.25 -14.71
CA ARG E 1 -14.48 -30.08 -14.34
C ARG E 1 -14.24 -29.76 -12.85
N LEU E 2 -14.71 -28.60 -12.42
CA LEU E 2 -14.61 -28.24 -11.02
C LEU E 2 -15.46 -29.16 -10.15
N PRO E 3 -15.07 -29.39 -8.90
CA PRO E 3 -16.00 -30.05 -7.96
C PRO E 3 -17.23 -29.19 -7.78
N ALA E 4 -18.36 -29.82 -7.45
CA ALA E 4 -19.62 -29.07 -7.37
C ALA E 4 -19.58 -28.03 -6.26
N LYS E 5 -18.97 -28.37 -5.11
CA LYS E 5 -18.93 -27.51 -3.94
C LYS E 5 -17.62 -27.77 -3.20
N ALA E 6 -17.40 -26.97 -2.16
CA ALA E 6 -16.31 -27.17 -1.23
C ALA E 6 -16.90 -27.42 0.15
N PRO E 7 -16.17 -28.11 1.03
CA PRO E 7 -16.72 -28.39 2.36
C PRO E 7 -16.82 -27.12 3.21
N LEU E 8 -17.88 -27.03 4.01
CA LEU E 8 -17.98 -25.99 5.02
C LEU E 8 -17.07 -26.36 6.18
N PHE E 9 -16.26 -25.40 6.63
CA PHE E 9 -15.34 -25.69 7.73
C PHE E 9 -16.02 -25.42 9.07
N ARG F 1 -0.90 36.86 -0.70
CA ARG F 1 -0.75 35.99 -1.86
C ARG F 1 0.50 35.12 -1.72
N LEU F 2 0.63 34.14 -2.61
CA LEU F 2 1.83 33.32 -2.67
C LEU F 2 3.03 34.12 -3.15
N PRO F 3 4.25 33.70 -2.80
CA PRO F 3 5.42 34.24 -3.50
C PRO F 3 5.36 33.81 -4.96
N ALA F 4 5.97 34.62 -5.83
CA ALA F 4 5.83 34.36 -7.26
C ALA F 4 6.38 32.99 -7.65
N LYS F 5 7.50 32.59 -7.05
CA LYS F 5 8.08 31.27 -7.31
C LYS F 5 8.97 30.91 -6.12
N ALA F 6 9.67 29.78 -6.22
CA ALA F 6 10.56 29.29 -5.18
C ALA F 6 12.01 29.21 -5.68
N PRO F 7 13.00 29.14 -4.78
CA PRO F 7 14.40 29.04 -5.25
C PRO F 7 14.72 27.67 -5.84
N LEU F 8 15.54 27.71 -6.89
CA LEU F 8 16.15 26.50 -7.43
C LEU F 8 17.28 26.05 -6.52
N PHE F 9 17.23 24.79 -6.09
CA PHE F 9 18.20 24.26 -5.14
C PHE F 9 19.46 23.81 -5.88
#